data_2HN8
#
_entry.id   2HN8
#
_entity_poly.entity_id   1
_entity_poly.type   'polypeptide(L)'
_entity_poly.pdbx_seq_one_letter_code
;VMPKQIVYWKQWLSLRNPILVFLKTRVLKRWRLFSKHE
;
_entity_poly.pdbx_strand_id   A
#
# COMPACT_ATOMS: atom_id res chain seq x y z
N VAL A 1 -9.24 4.78 -23.51
CA VAL A 1 -8.28 5.72 -22.87
C VAL A 1 -6.87 5.47 -23.38
N MET A 2 -5.96 6.39 -23.07
CA MET A 2 -4.58 6.28 -23.49
C MET A 2 -3.91 5.06 -22.84
N PRO A 3 -3.50 4.07 -23.66
CA PRO A 3 -2.85 2.85 -23.18
C PRO A 3 -1.78 3.09 -22.14
N LYS A 4 -1.19 4.26 -22.19
CA LYS A 4 -0.13 4.64 -21.27
C LYS A 4 -0.66 5.41 -20.08
N GLN A 5 -1.84 5.97 -20.21
CA GLN A 5 -2.43 6.74 -19.14
C GLN A 5 -3.24 5.85 -18.21
N ILE A 6 -3.77 4.77 -18.75
CA ILE A 6 -4.52 3.84 -17.95
C ILE A 6 -3.58 2.83 -17.31
N VAL A 7 -2.44 2.60 -17.98
CA VAL A 7 -1.41 1.71 -17.49
C VAL A 7 -0.70 2.43 -16.36
N TYR A 8 -0.46 3.71 -16.61
CA TYR A 8 0.14 4.60 -15.64
C TYR A 8 -0.71 4.56 -14.40
N TRP A 9 -2.01 4.71 -14.64
CA TRP A 9 -3.01 4.64 -13.59
C TRP A 9 -2.87 3.29 -12.93
N LYS A 10 -3.15 2.33 -13.77
CA LYS A 10 -3.08 0.93 -13.42
C LYS A 10 -1.80 0.63 -12.64
N GLN A 11 -0.67 1.01 -13.20
CA GLN A 11 0.62 0.77 -12.55
C GLN A 11 0.83 1.70 -11.36
N TRP A 12 -0.18 2.48 -11.06
CA TRP A 12 -0.14 3.40 -9.95
C TRP A 12 -1.12 2.97 -8.87
N LEU A 13 -2.28 2.45 -9.26
CA LEU A 13 -3.27 2.00 -8.30
C LEU A 13 -3.17 0.50 -8.10
N SER A 14 -2.39 -0.17 -8.94
CA SER A 14 -2.23 -1.60 -8.80
C SER A 14 -1.13 -1.89 -7.81
N LEU A 15 -0.03 -1.17 -7.95
CA LEU A 15 1.10 -1.32 -7.06
C LEU A 15 0.91 -0.52 -5.80
N ARG A 16 0.74 0.78 -5.96
CA ARG A 16 0.56 1.66 -4.81
C ARG A 16 -0.47 1.08 -3.85
N ASN A 17 -1.42 0.36 -4.41
CA ASN A 17 -2.48 -0.26 -3.66
C ASN A 17 -1.93 -1.22 -2.61
N PRO A 18 -1.55 -2.45 -3.01
CA PRO A 18 -1.01 -3.43 -2.08
C PRO A 18 0.12 -2.86 -1.26
N ILE A 19 0.73 -1.82 -1.80
CA ILE A 19 1.86 -1.17 -1.12
C ILE A 19 1.37 -0.33 0.06
N LEU A 20 0.19 0.23 -0.09
CA LEU A 20 -0.40 1.02 0.97
C LEU A 20 -0.79 0.08 2.07
N VAL A 21 -1.39 -1.02 1.65
CA VAL A 21 -1.78 -2.06 2.53
C VAL A 21 -0.58 -2.53 3.32
N PHE A 22 0.45 -2.86 2.53
CA PHE A 22 1.71 -3.32 3.05
C PHE A 22 2.23 -2.32 4.06
N LEU A 23 1.86 -1.07 3.84
CA LEU A 23 2.23 0.03 4.75
C LEU A 23 1.33 0.03 5.95
N LYS A 24 0.12 -0.37 5.67
CA LYS A 24 -0.94 -0.45 6.63
C LYS A 24 -0.71 -1.56 7.62
N THR A 25 -0.30 -2.69 7.08
CA THR A 25 0.00 -3.86 7.86
C THR A 25 1.27 -3.66 8.66
N ARG A 26 2.29 -3.13 8.01
CA ARG A 26 3.54 -2.87 8.69
C ARG A 26 3.30 -1.95 9.88
N VAL A 27 2.44 -0.98 9.65
CA VAL A 27 2.04 0.00 10.64
C VAL A 27 1.08 -0.65 11.64
N LEU A 28 0.48 -1.74 11.23
CA LEU A 28 -0.47 -2.49 12.02
C LEU A 28 0.28 -3.38 12.98
N LYS A 29 1.22 -4.10 12.41
CA LYS A 29 2.06 -5.00 13.17
C LYS A 29 2.97 -4.18 14.07
N ARG A 30 3.17 -2.95 13.65
CA ARG A 30 3.96 -2.01 14.38
C ARG A 30 3.09 -1.43 15.47
N TRP A 31 1.81 -1.36 15.14
CA TRP A 31 0.79 -0.90 16.02
C TRP A 31 0.60 -1.95 17.09
N ARG A 32 0.60 -3.21 16.65
CA ARG A 32 0.49 -4.32 17.57
C ARG A 32 1.66 -4.27 18.53
N LEU A 33 2.82 -4.08 17.91
CA LEU A 33 4.09 -3.96 18.56
C LEU A 33 4.13 -2.75 19.44
N PHE A 34 3.54 -1.72 18.92
CA PHE A 34 3.45 -0.45 19.59
C PHE A 34 2.43 -0.54 20.68
N SER A 35 1.57 -1.52 20.52
CA SER A 35 0.52 -1.77 21.50
C SER A 35 0.95 -2.83 22.51
N LYS A 36 1.79 -3.76 22.06
CA LYS A 36 2.26 -4.82 22.94
C LYS A 36 3.35 -4.30 23.89
N HIS A 37 4.01 -3.24 23.46
CA HIS A 37 5.06 -2.62 24.24
C HIS A 37 4.46 -1.82 25.39
N GLU A 38 3.64 -0.85 25.03
CA GLU A 38 2.98 0.02 26.00
C GLU A 38 3.95 0.49 27.08
N VAL A 1 -10.49 4.92 -25.93
CA VAL A 1 -9.25 5.75 -25.98
C VAL A 1 -7.99 4.89 -25.96
N MET A 2 -6.84 5.53 -26.09
CA MET A 2 -5.57 4.83 -26.08
C MET A 2 -5.21 4.36 -24.68
N PRO A 3 -4.21 3.47 -24.57
CA PRO A 3 -3.76 2.93 -23.29
C PRO A 3 -2.62 3.79 -22.71
N LYS A 4 -1.74 3.20 -21.91
CA LYS A 4 -0.62 3.93 -21.33
C LYS A 4 -1.08 4.89 -20.24
N GLN A 5 -2.32 5.36 -20.33
CA GLN A 5 -2.85 6.26 -19.32
C GLN A 5 -3.61 5.46 -18.27
N ILE A 6 -4.13 4.32 -18.70
CA ILE A 6 -4.84 3.43 -17.83
C ILE A 6 -3.84 2.47 -17.18
N VAL A 7 -2.72 2.26 -17.88
CA VAL A 7 -1.66 1.42 -17.42
C VAL A 7 -0.89 2.18 -16.36
N TYR A 8 -0.72 3.46 -16.65
CA TYR A 8 -0.09 4.39 -15.73
C TYR A 8 -0.90 4.41 -14.47
N TRP A 9 -2.20 4.55 -14.68
CA TRP A 9 -3.15 4.54 -13.58
C TRP A 9 -3.02 3.24 -12.87
N LYS A 10 -3.33 2.23 -13.63
CA LYS A 10 -3.28 0.85 -13.19
C LYS A 10 -1.95 0.55 -12.50
N GLN A 11 -0.85 0.89 -13.15
CA GLN A 11 0.46 0.65 -12.55
C GLN A 11 0.74 1.61 -11.41
N TRP A 12 -0.25 2.42 -11.10
CA TRP A 12 -0.16 3.37 -10.02
C TRP A 12 -1.08 2.99 -8.87
N LEU A 13 -2.27 2.49 -9.19
CA LEU A 13 -3.19 2.07 -8.14
C LEU A 13 -3.14 0.57 -7.96
N SER A 14 -2.38 -0.12 -8.80
CA SER A 14 -2.25 -1.57 -8.66
C SER A 14 -1.11 -1.87 -7.72
N LEU A 15 -0.01 -1.15 -7.91
CA LEU A 15 1.15 -1.32 -7.09
C LEU A 15 1.06 -0.48 -5.83
N ARG A 16 0.96 0.82 -6.00
CA ARG A 16 0.86 1.73 -4.88
C ARG A 16 -0.18 1.28 -3.88
N ASN A 17 -1.17 0.58 -4.39
CA ASN A 17 -2.24 0.06 -3.57
C ASN A 17 -1.72 -0.93 -2.54
N PRO A 18 -1.41 -2.17 -2.94
CA PRO A 18 -0.90 -3.17 -2.05
C PRO A 18 0.26 -2.66 -1.24
N ILE A 19 0.91 -1.65 -1.79
CA ILE A 19 2.07 -1.05 -1.12
C ILE A 19 1.62 -0.19 0.05
N LEU A 20 0.48 0.43 -0.09
CA LEU A 20 -0.09 1.26 0.97
C LEU A 20 -0.53 0.34 2.07
N VAL A 21 -1.18 -0.72 1.64
CA VAL A 21 -1.62 -1.76 2.52
C VAL A 21 -0.44 -2.28 3.30
N PHE A 22 0.56 -2.67 2.52
CA PHE A 22 1.80 -3.20 3.03
C PHE A 22 2.37 -2.23 4.05
N LEU A 23 2.06 -0.97 3.85
CA LEU A 23 2.49 0.10 4.78
C LEU A 23 1.58 0.12 5.98
N LYS A 24 0.36 -0.21 5.69
CA LYS A 24 -0.71 -0.24 6.65
C LYS A 24 -0.53 -1.39 7.61
N THR A 25 -0.20 -2.53 7.04
CA THR A 25 0.02 -3.74 7.81
C THR A 25 1.30 -3.62 8.61
N ARG A 26 2.36 -3.13 7.98
CA ARG A 26 3.62 -2.96 8.67
C ARG A 26 3.42 -2.06 9.87
N VAL A 27 2.61 -1.03 9.66
CA VAL A 27 2.28 -0.07 10.67
C VAL A 27 1.23 -0.65 11.63
N LEU A 28 0.54 -1.66 11.16
CA LEU A 28 -0.49 -2.34 11.93
C LEU A 28 0.20 -3.25 12.91
N LYS A 29 1.13 -4.01 12.36
CA LYS A 29 1.94 -4.93 13.13
C LYS A 29 2.86 -4.14 14.02
N ARG A 30 3.08 -2.89 13.62
CA ARG A 30 3.88 -1.99 14.40
C ARG A 30 3.01 -1.49 15.52
N TRP A 31 1.74 -1.35 15.15
CA TRP A 31 0.70 -0.95 16.02
C TRP A 31 0.50 -2.02 17.05
N ARG A 32 0.49 -3.27 16.58
CA ARG A 32 0.36 -4.41 17.46
C ARG A 32 1.52 -4.39 18.44
N LEU A 33 2.67 -4.18 17.84
CA LEU A 33 3.94 -4.09 18.49
C LEU A 33 3.99 -2.91 19.40
N PHE A 34 3.41 -1.86 18.90
CA PHE A 34 3.33 -0.60 19.61
C PHE A 34 2.28 -0.69 20.67
N SER A 35 1.42 -1.65 20.46
CA SER A 35 0.32 -1.91 21.41
C SER A 35 0.72 -2.99 22.40
N LYS A 36 1.56 -3.92 21.97
CA LYS A 36 1.99 -5.01 22.84
C LYS A 36 3.08 -4.54 23.80
N HIS A 37 3.79 -3.51 23.38
CA HIS A 37 4.87 -2.94 24.19
C HIS A 37 4.32 -2.07 25.31
N GLU A 38 3.42 -1.16 24.97
CA GLU A 38 2.82 -0.26 25.94
C GLU A 38 1.53 -0.87 26.52
N VAL A 1 -1.32 5.95 -28.08
CA VAL A 1 -1.87 4.58 -28.21
C VAL A 1 -3.15 4.44 -27.37
N MET A 2 -3.76 3.26 -27.45
CA MET A 2 -4.98 2.99 -26.71
C MET A 2 -4.69 2.79 -25.22
N PRO A 3 -3.73 1.91 -24.89
CA PRO A 3 -3.37 1.63 -23.51
C PRO A 3 -2.25 2.59 -23.04
N LYS A 4 -1.38 2.14 -22.13
CA LYS A 4 -0.29 2.97 -21.62
C LYS A 4 -0.77 4.02 -20.64
N GLN A 5 -2.01 4.49 -20.80
CA GLN A 5 -2.56 5.48 -19.91
C GLN A 5 -3.34 4.77 -18.82
N ILE A 6 -3.85 3.60 -19.15
CA ILE A 6 -4.58 2.78 -18.22
C ILE A 6 -3.59 1.89 -17.47
N VAL A 7 -2.46 1.62 -18.11
CA VAL A 7 -1.39 0.82 -17.53
C VAL A 7 -0.68 1.69 -16.53
N TYR A 8 -0.49 2.93 -16.91
CA TYR A 8 0.11 3.94 -16.06
C TYR A 8 -0.74 4.07 -14.83
N TRP A 9 -2.04 4.17 -15.08
CA TRP A 9 -3.01 4.25 -14.03
C TRP A 9 -2.91 3.01 -13.20
N LYS A 10 -3.20 1.94 -13.90
CA LYS A 10 -3.16 0.60 -13.36
C LYS A 10 -1.87 0.37 -12.59
N GLN A 11 -0.74 0.67 -13.22
CA GLN A 11 0.55 0.48 -12.57
C GLN A 11 0.77 1.50 -11.46
N TRP A 12 -0.23 2.32 -11.24
CA TRP A 12 -0.19 3.32 -10.21
C TRP A 12 -1.16 2.97 -9.09
N LEU A 13 -2.33 2.44 -9.43
CA LEU A 13 -3.31 2.07 -8.43
C LEU A 13 -3.24 0.57 -8.14
N SER A 14 -2.42 -0.15 -8.91
CA SER A 14 -2.27 -1.58 -8.67
C SER A 14 -1.17 -1.80 -7.65
N LEU A 15 -0.09 -1.06 -7.83
CA LEU A 15 1.04 -1.15 -6.94
C LEU A 15 0.85 -0.24 -5.74
N ARG A 16 0.71 1.04 -6.00
CA ARG A 16 0.51 2.02 -4.93
C ARG A 16 -0.55 1.55 -3.94
N ASN A 17 -1.46 0.75 -4.44
CA ASN A 17 -2.55 0.21 -3.65
C ASN A 17 -2.03 -0.71 -2.55
N PRO A 18 -1.69 -1.98 -2.89
CA PRO A 18 -1.19 -2.92 -1.91
C PRO A 18 0.00 -2.38 -1.16
N ILE A 19 0.61 -1.36 -1.72
CA ILE A 19 1.79 -0.75 -1.12
C ILE A 19 1.42 0.08 0.09
N LEU A 20 0.33 0.80 -0.01
CA LEU A 20 -0.15 1.62 1.09
C LEU A 20 -0.58 0.70 2.19
N VAL A 21 -1.20 -0.37 1.77
CA VAL A 21 -1.61 -1.41 2.65
C VAL A 21 -0.41 -1.91 3.39
N PHE A 22 0.59 -2.24 2.58
CA PHE A 22 1.86 -2.74 3.06
C PHE A 22 2.41 -1.80 4.10
N LEU A 23 2.06 -0.53 3.95
CA LEU A 23 2.52 0.46 4.94
C LEU A 23 1.55 0.51 6.10
N LYS A 24 0.31 0.24 5.78
CA LYS A 24 -0.76 0.23 6.73
C LYS A 24 -0.58 -0.90 7.71
N THR A 25 -0.19 -2.04 7.17
CA THR A 25 0.05 -3.23 7.93
C THR A 25 1.33 -3.08 8.75
N ARG A 26 2.37 -2.55 8.12
CA ARG A 26 3.62 -2.35 8.83
C ARG A 26 3.37 -1.50 10.07
N VAL A 27 2.54 -0.49 9.88
CA VAL A 27 2.15 0.44 10.93
C VAL A 27 1.15 -0.22 11.87
N LEU A 28 0.52 -1.28 11.39
CA LEU A 28 -0.46 -2.03 12.12
C LEU A 28 0.25 -3.02 13.00
N LYS A 29 1.15 -3.75 12.38
CA LYS A 29 1.95 -4.74 13.08
C LYS A 29 2.86 -4.02 14.05
N ARG A 30 3.14 -2.78 13.73
CA ARG A 30 3.94 -1.92 14.55
C ARG A 30 3.07 -1.41 15.68
N TRP A 31 1.80 -1.28 15.37
CA TRP A 31 0.79 -0.87 16.28
C TRP A 31 0.53 -2.03 17.21
N ARG A 32 0.48 -3.23 16.60
CA ARG A 32 0.32 -4.44 17.34
C ARG A 32 1.46 -4.58 18.31
N LEU A 33 2.64 -4.45 17.72
CA LEU A 33 3.91 -4.48 18.39
C LEU A 33 3.99 -3.42 19.43
N PHE A 34 3.47 -2.29 19.05
CA PHE A 34 3.42 -1.13 19.92
C PHE A 34 2.44 -1.40 21.02
N SER A 35 1.56 -2.33 20.70
CA SER A 35 0.54 -2.75 21.66
C SER A 35 0.98 -3.97 22.46
N LYS A 36 1.86 -4.80 21.89
CA LYS A 36 2.33 -5.99 22.58
C LYS A 36 3.48 -5.65 23.51
N HIS A 37 4.37 -4.82 23.01
CA HIS A 37 5.54 -4.39 23.76
C HIS A 37 5.14 -3.52 24.95
N GLU A 38 4.04 -2.80 24.82
CA GLU A 38 3.56 -1.93 25.88
C GLU A 38 2.52 -2.64 26.75
N VAL A 1 -9.92 6.04 -23.24
CA VAL A 1 -8.85 6.25 -22.24
C VAL A 1 -7.46 6.03 -22.86
N MET A 2 -6.53 6.91 -22.54
CA MET A 2 -5.18 6.82 -23.05
C MET A 2 -4.46 5.60 -22.48
N PRO A 3 -4.05 4.65 -23.35
CA PRO A 3 -3.35 3.42 -22.96
C PRO A 3 -2.24 3.63 -21.94
N LYS A 4 -1.68 4.82 -21.98
CA LYS A 4 -0.59 5.17 -21.09
C LYS A 4 -1.07 5.89 -19.84
N GLN A 5 -2.28 6.43 -19.91
CA GLN A 5 -2.84 7.16 -18.78
C GLN A 5 -3.59 6.23 -17.86
N ILE A 6 -4.12 5.15 -18.42
CA ILE A 6 -4.83 4.18 -17.63
C ILE A 6 -3.85 3.15 -17.08
N VAL A 7 -2.73 2.98 -17.79
CA VAL A 7 -1.68 2.09 -17.38
C VAL A 7 -0.92 2.76 -16.27
N TYR A 8 -0.73 4.05 -16.46
CA TYR A 8 -0.09 4.91 -15.46
C TYR A 8 -0.89 4.82 -14.20
N TRP A 9 -2.20 4.98 -14.40
CA TRP A 9 -3.15 4.89 -13.31
C TRP A 9 -3.02 3.53 -12.70
N LYS A 10 -3.34 2.58 -13.55
CA LYS A 10 -3.29 1.17 -13.23
C LYS A 10 -1.98 0.82 -12.55
N GLN A 11 -0.86 1.23 -13.15
CA GLN A 11 0.44 0.94 -12.57
C GLN A 11 0.71 1.80 -11.35
N TRP A 12 -0.28 2.58 -10.98
CA TRP A 12 -0.18 3.45 -9.82
C TRP A 12 -1.13 2.97 -8.72
N LEU A 13 -2.31 2.50 -9.10
CA LEU A 13 -3.27 2.02 -8.12
C LEU A 13 -3.20 0.50 -8.01
N SER A 14 -2.43 -0.14 -8.89
CA SER A 14 -2.28 -1.58 -8.84
C SER A 14 -1.16 -1.92 -7.88
N LEU A 15 -0.06 -1.20 -8.02
CA LEU A 15 1.09 -1.40 -7.17
C LEU A 15 0.94 -0.64 -5.88
N ARG A 16 0.80 0.66 -5.97
CA ARG A 16 0.65 1.50 -4.78
C ARG A 16 -0.39 0.92 -3.84
N ASN A 17 -1.33 0.19 -4.41
CA ASN A 17 -2.40 -0.44 -3.66
C ASN A 17 -1.87 -1.43 -2.63
N PRO A 18 -1.55 -2.68 -3.03
CA PRO A 18 -1.04 -3.67 -2.12
C PRO A 18 0.16 -3.17 -1.36
N ILE A 19 0.80 -2.16 -1.92
CA ILE A 19 2.01 -1.60 -1.31
C ILE A 19 1.67 -0.71 -0.12
N LEU A 20 0.51 -0.09 -0.16
CA LEU A 20 0.09 0.74 0.97
C LEU A 20 -0.38 -0.18 2.07
N VAL A 21 -1.05 -1.22 1.64
CA VAL A 21 -1.51 -2.24 2.53
C VAL A 21 -0.31 -2.81 3.27
N PHE A 22 0.64 -3.22 2.44
CA PHE A 22 1.89 -3.78 2.88
C PHE A 22 2.53 -2.84 3.91
N LEU A 23 2.24 -1.57 3.73
CA LEU A 23 2.73 -0.51 4.66
C LEU A 23 1.84 -0.47 5.87
N LYS A 24 0.59 -0.71 5.60
CA LYS A 24 -0.45 -0.69 6.60
C LYS A 24 -0.25 -1.82 7.57
N THR A 25 0.04 -2.97 7.03
CA THR A 25 0.29 -4.15 7.82
C THR A 25 1.54 -3.95 8.65
N ARG A 26 2.57 -3.41 8.03
CA ARG A 26 3.81 -3.13 8.74
C ARG A 26 3.52 -2.16 9.87
N VAL A 27 2.68 -1.20 9.54
CA VAL A 27 2.24 -0.16 10.45
C VAL A 27 1.22 -0.72 11.46
N LEU A 28 0.63 -1.84 11.07
CA LEU A 28 -0.36 -2.52 11.86
C LEU A 28 0.33 -3.36 12.90
N LYS A 29 1.28 -4.13 12.43
CA LYS A 29 2.08 -4.99 13.29
C LYS A 29 2.93 -4.14 14.18
N ARG A 30 3.17 -2.93 13.71
CA ARG A 30 3.93 -1.95 14.43
C ARG A 30 3.02 -1.27 15.41
N TRP A 31 1.75 -1.20 15.02
CA TRP A 31 0.70 -0.66 15.80
C TRP A 31 0.41 -1.64 16.90
N ARG A 32 0.37 -2.93 16.53
CA ARG A 32 0.18 -3.97 17.49
C ARG A 32 1.29 -3.89 18.51
N LEU A 33 2.49 -3.89 17.96
CA LEU A 33 3.73 -3.79 18.66
C LEU A 33 3.78 -2.55 19.49
N PHE A 34 3.27 -1.51 18.88
CA PHE A 34 3.19 -0.22 19.51
C PHE A 34 2.17 -0.27 20.59
N SER A 35 1.30 -1.24 20.44
CA SER A 35 0.23 -1.46 21.41
C SER A 35 0.63 -2.52 22.44
N LYS A 36 1.53 -3.42 22.07
CA LYS A 36 1.96 -4.47 23.00
C LYS A 36 3.04 -3.93 23.93
N HIS A 37 3.94 -3.17 23.35
CA HIS A 37 5.04 -2.57 24.10
C HIS A 37 4.54 -1.52 25.08
N GLU A 38 3.53 -0.77 24.67
CA GLU A 38 2.95 0.27 25.52
C GLU A 38 1.76 -0.25 26.31
N VAL A 1 -0.26 8.23 -24.92
CA VAL A 1 -1.21 7.21 -25.45
C VAL A 1 -2.04 6.59 -24.33
N MET A 2 -3.19 6.03 -24.71
CA MET A 2 -4.08 5.40 -23.75
C MET A 2 -3.42 4.21 -23.07
N PRO A 3 -3.02 3.18 -23.85
CA PRO A 3 -2.37 1.98 -23.33
C PRO A 3 -1.32 2.27 -22.26
N LYS A 4 -0.73 3.43 -22.35
CA LYS A 4 0.30 3.86 -21.41
C LYS A 4 -0.28 4.73 -20.31
N GLN A 5 -1.46 5.30 -20.55
CA GLN A 5 -2.09 6.15 -19.58
C GLN A 5 -2.95 5.34 -18.62
N ILE A 6 -3.45 4.20 -19.09
CA ILE A 6 -4.24 3.34 -18.25
C ILE A 6 -3.32 2.37 -17.50
N VAL A 7 -2.16 2.10 -18.11
CA VAL A 7 -1.15 1.25 -17.52
C VAL A 7 -0.47 2.04 -16.44
N TYR A 8 -0.25 3.31 -16.74
CA TYR A 8 0.33 4.25 -15.80
C TYR A 8 -0.57 4.31 -14.60
N TRP A 9 -1.85 4.45 -14.91
CA TRP A 9 -2.90 4.48 -13.89
C TRP A 9 -2.83 3.19 -13.14
N LYS A 10 -3.12 2.17 -13.91
CA LYS A 10 -3.13 0.80 -13.45
C LYS A 10 -1.87 0.48 -12.65
N GLN A 11 -0.71 0.84 -13.20
CA GLN A 11 0.55 0.57 -12.52
C GLN A 11 0.77 1.53 -11.37
N TRP A 12 -0.22 2.37 -11.13
CA TRP A 12 -0.18 3.32 -10.04
C TRP A 12 -1.17 2.93 -8.95
N LEU A 13 -2.34 2.43 -9.33
CA LEU A 13 -3.33 2.02 -8.34
C LEU A 13 -3.24 0.52 -8.09
N SER A 14 -2.49 -0.18 -8.92
CA SER A 14 -2.33 -1.62 -8.73
C SER A 14 -1.24 -1.89 -7.72
N LEU A 15 -0.14 -1.18 -7.88
CA LEU A 15 0.99 -1.32 -6.99
C LEU A 15 0.81 -0.46 -5.76
N ARG A 16 0.67 0.84 -5.96
CA ARG A 16 0.49 1.77 -4.85
C ARG A 16 -0.54 1.25 -3.87
N ASN A 17 -1.49 0.50 -4.40
CA ASN A 17 -2.56 -0.07 -3.62
C ASN A 17 -2.01 -1.00 -2.54
N PRO A 18 -1.60 -2.24 -2.91
CA PRO A 18 -1.07 -3.20 -1.98
C PRO A 18 0.06 -2.60 -1.15
N ILE A 19 0.66 -1.57 -1.72
CA ILE A 19 1.77 -0.89 -1.03
C ILE A 19 1.27 -0.05 0.12
N LEU A 20 0.09 0.51 -0.05
CA LEU A 20 -0.54 1.31 1.00
C LEU A 20 -0.91 0.38 2.12
N VAL A 21 -1.49 -0.74 1.71
CA VAL A 21 -1.87 -1.78 2.61
C VAL A 21 -0.65 -2.21 3.40
N PHE A 22 0.38 -2.53 2.62
CA PHE A 22 1.65 -2.97 3.15
C PHE A 22 2.15 -1.94 4.16
N LEU A 23 1.75 -0.71 3.92
CA LEU A 23 2.11 0.41 4.83
C LEU A 23 1.19 0.39 6.03
N LYS A 24 0.00 -0.04 5.74
CA LYS A 24 -1.06 -0.14 6.71
C LYS A 24 -0.80 -1.26 7.69
N THR A 25 -0.36 -2.37 7.15
CA THR A 25 -0.05 -3.54 7.93
C THR A 25 1.24 -3.31 8.71
N ARG A 26 2.25 -2.77 8.05
CA ARG A 26 3.52 -2.49 8.71
C ARG A 26 3.27 -1.62 9.94
N VAL A 27 2.38 -0.65 9.74
CA VAL A 27 1.98 0.27 10.77
C VAL A 27 1.04 -0.39 11.77
N LEU A 28 0.45 -1.49 11.33
CA LEU A 28 -0.48 -2.28 12.11
C LEU A 28 0.30 -3.20 13.01
N LYS A 29 1.22 -3.90 12.40
CA LYS A 29 2.08 -4.83 13.11
C LYS A 29 2.99 -4.03 14.03
N ARG A 30 3.19 -2.79 13.66
CA ARG A 30 3.96 -1.86 14.43
C ARG A 30 3.11 -1.36 15.57
N TRP A 31 1.81 -1.31 15.28
CA TRP A 31 0.81 -0.93 16.19
C TRP A 31 0.63 -2.06 17.17
N ARG A 32 0.66 -3.28 16.63
CA ARG A 32 0.57 -4.48 17.41
C ARG A 32 1.75 -4.51 18.35
N LEU A 33 2.89 -4.24 17.75
CA LEU A 33 4.17 -4.17 18.39
C LEU A 33 4.20 -3.06 19.39
N PHE A 34 3.59 -1.98 18.97
CA PHE A 34 3.49 -0.80 19.79
C PHE A 34 2.49 -1.02 20.87
N SER A 35 1.66 -2.00 20.62
CA SER A 35 0.62 -2.37 21.58
C SER A 35 1.11 -3.50 22.47
N LYS A 36 1.97 -4.35 21.93
CA LYS A 36 2.50 -5.48 22.69
C LYS A 36 3.59 -5.03 23.65
N HIS A 37 4.22 -3.92 23.30
CA HIS A 37 5.28 -3.34 24.10
C HIS A 37 4.71 -2.72 25.37
N GLU A 38 3.84 -1.75 25.17
CA GLU A 38 3.20 -1.06 26.28
C GLU A 38 1.80 -1.64 26.53
N VAL A 1 -1.37 9.18 -26.66
CA VAL A 1 -1.50 7.74 -27.01
C VAL A 1 -2.76 7.14 -26.39
N MET A 2 -3.15 5.96 -26.86
CA MET A 2 -4.32 5.28 -26.36
C MET A 2 -4.06 4.68 -24.98
N PRO A 3 -3.07 3.78 -24.86
CA PRO A 3 -2.73 3.14 -23.59
C PRO A 3 -1.60 3.90 -22.90
N LYS A 4 -0.81 3.22 -22.07
CA LYS A 4 0.30 3.85 -21.36
C LYS A 4 -0.17 4.84 -20.30
N GLN A 5 -1.37 5.40 -20.49
CA GLN A 5 -1.91 6.35 -19.52
C GLN A 5 -2.81 5.61 -18.55
N ILE A 6 -3.38 4.52 -19.03
CA ILE A 6 -4.22 3.68 -18.21
C ILE A 6 -3.36 2.65 -17.49
N VAL A 7 -2.21 2.34 -18.10
CA VAL A 7 -1.25 1.42 -17.54
C VAL A 7 -0.51 2.14 -16.44
N TYR A 8 -0.21 3.39 -16.73
CA TYR A 8 0.43 4.28 -15.79
C TYR A 8 -0.46 4.40 -14.58
N TRP A 9 -1.74 4.62 -14.87
CA TRP A 9 -2.76 4.70 -13.86
C TRP A 9 -2.78 3.40 -13.12
N LYS A 10 -3.12 2.41 -13.91
CA LYS A 10 -3.22 1.04 -13.46
C LYS A 10 -1.98 0.64 -12.67
N GLN A 11 -0.80 0.91 -13.22
CA GLN A 11 0.44 0.56 -12.55
C GLN A 11 0.72 1.50 -11.38
N TRP A 12 -0.22 2.39 -11.13
CA TRP A 12 -0.11 3.33 -10.05
C TRP A 12 -1.12 3.00 -8.96
N LEU A 13 -2.31 2.56 -9.33
CA LEU A 13 -3.32 2.21 -8.34
C LEU A 13 -3.33 0.70 -8.11
N SER A 14 -2.63 -0.04 -8.94
CA SER A 14 -2.56 -1.49 -8.77
C SER A 14 -1.47 -1.83 -7.77
N LEU A 15 -0.33 -1.18 -7.93
CA LEU A 15 0.80 -1.39 -7.05
C LEU A 15 0.68 -0.53 -5.81
N ARG A 16 0.62 0.77 -6.01
CA ARG A 16 0.51 1.71 -4.89
C ARG A 16 -0.54 1.24 -3.89
N ASN A 17 -1.53 0.55 -4.41
CA ASN A 17 -2.62 0.01 -3.62
C ASN A 17 -2.10 -0.99 -2.59
N PRO A 18 -1.79 -2.24 -3.00
CA PRO A 18 -1.27 -3.26 -2.10
C PRO A 18 -0.10 -2.76 -1.30
N ILE A 19 0.53 -1.72 -1.83
CA ILE A 19 1.69 -1.13 -1.17
C ILE A 19 1.26 -0.38 0.07
N LEU A 20 0.16 0.34 -0.06
CA LEU A 20 -0.44 1.11 1.03
C LEU A 20 -0.77 0.15 2.13
N VAL A 21 -1.35 -0.95 1.70
CA VAL A 21 -1.68 -2.03 2.56
C VAL A 21 -0.45 -2.47 3.29
N PHE A 22 0.57 -2.72 2.48
CA PHE A 22 1.86 -3.15 2.97
C PHE A 22 2.35 -2.17 4.01
N LEU A 23 1.93 -0.93 3.86
CA LEU A 23 2.32 0.09 4.85
C LEU A 23 1.36 0.06 6.02
N LYS A 24 0.14 -0.29 5.69
CA LYS A 24 -0.92 -0.39 6.66
C LYS A 24 -0.62 -1.50 7.64
N THR A 25 -0.17 -2.60 7.09
CA THR A 25 0.20 -3.76 7.87
C THR A 25 1.44 -3.47 8.70
N ARG A 26 2.42 -2.82 8.07
CA ARG A 26 3.64 -2.47 8.78
C ARG A 26 3.28 -1.64 9.99
N VAL A 27 2.34 -0.73 9.77
CA VAL A 27 1.82 0.16 10.79
C VAL A 27 0.92 -0.59 11.76
N LEU A 28 0.43 -1.73 11.29
CA LEU A 28 -0.46 -2.58 12.04
C LEU A 28 0.35 -3.45 12.98
N LYS A 29 1.37 -4.05 12.41
CA LYS A 29 2.28 -4.90 13.14
C LYS A 29 3.10 -4.04 14.07
N ARG A 30 3.21 -2.78 13.71
CA ARG A 30 3.89 -1.79 14.48
C ARG A 30 2.96 -1.35 15.58
N TRP A 31 1.68 -1.39 15.24
CA TRP A 31 0.61 -1.08 16.12
C TRP A 31 0.53 -2.17 17.14
N ARG A 32 0.68 -3.42 16.67
CA ARG A 32 0.69 -4.56 17.55
C ARG A 32 1.82 -4.38 18.53
N LEU A 33 2.96 -4.13 17.93
CA LEU A 33 4.21 -3.89 18.59
C LEU A 33 4.11 -2.72 19.52
N PHE A 34 3.44 -1.73 19.02
CA PHE A 34 3.20 -0.51 19.75
C PHE A 34 2.23 -0.77 20.84
N SER A 35 1.49 -1.85 20.62
CA SER A 35 0.49 -2.28 21.60
C SER A 35 1.08 -3.32 22.55
N LYS A 36 2.09 -4.06 22.11
CA LYS A 36 2.73 -5.06 22.97
C LYS A 36 3.65 -4.38 23.95
N HIS A 37 4.34 -3.39 23.43
CA HIS A 37 5.28 -2.61 24.21
C HIS A 37 4.55 -1.76 25.24
N GLU A 38 3.70 -0.88 24.74
CA GLU A 38 2.91 0.00 25.58
C GLU A 38 1.65 -0.69 26.06
N VAL A 1 -9.51 4.32 -26.46
CA VAL A 1 -8.34 5.23 -26.49
C VAL A 1 -7.03 4.46 -26.35
N MET A 2 -5.91 5.18 -26.46
CA MET A 2 -4.61 4.58 -26.36
C MET A 2 -4.30 4.19 -24.91
N PRO A 3 -3.22 3.42 -24.69
CA PRO A 3 -2.81 2.98 -23.36
C PRO A 3 -1.83 3.99 -22.73
N LYS A 4 -0.93 3.53 -21.87
CA LYS A 4 0.04 4.41 -21.22
C LYS A 4 -0.61 5.32 -20.18
N GLN A 5 -1.90 5.58 -20.33
CA GLN A 5 -2.62 6.44 -19.38
C GLN A 5 -3.39 5.58 -18.40
N ILE A 6 -3.86 4.45 -18.86
CA ILE A 6 -4.57 3.51 -18.04
C ILE A 6 -3.57 2.59 -17.35
N VAL A 7 -2.41 2.43 -17.99
CA VAL A 7 -1.33 1.62 -17.48
C VAL A 7 -0.64 2.40 -16.38
N TYR A 8 -0.51 3.69 -16.63
CA TYR A 8 0.06 4.62 -15.68
C TYR A 8 -0.81 4.61 -14.44
N TRP A 9 -2.11 4.66 -14.71
CA TRP A 9 -3.10 4.61 -13.66
C TRP A 9 -2.97 3.29 -12.98
N LYS A 10 -3.22 2.29 -13.79
CA LYS A 10 -3.15 0.91 -13.39
C LYS A 10 -1.87 0.63 -12.63
N GLN A 11 -0.74 1.04 -13.19
CA GLN A 11 0.54 0.81 -12.54
C GLN A 11 0.72 1.72 -11.34
N TRP A 12 -0.29 2.50 -11.06
CA TRP A 12 -0.28 3.40 -9.92
C TRP A 12 -1.25 2.91 -8.85
N LEU A 13 -2.38 2.35 -9.25
CA LEU A 13 -3.35 1.84 -8.29
C LEU A 13 -3.19 0.34 -8.10
N SER A 14 -2.39 -0.28 -8.94
CA SER A 14 -2.15 -1.71 -8.83
C SER A 14 -1.05 -1.95 -7.82
N LEU A 15 0.01 -1.19 -7.95
CA LEU A 15 1.15 -1.29 -7.07
C LEU A 15 0.93 -0.50 -5.81
N ARG A 16 0.71 0.79 -5.97
CA ARG A 16 0.47 1.67 -4.82
C ARG A 16 -0.55 1.07 -3.88
N ASN A 17 -1.43 0.26 -4.44
CA ASN A 17 -2.49 -0.39 -3.70
C ASN A 17 -1.92 -1.31 -2.61
N PRO A 18 -1.52 -2.55 -2.94
CA PRO A 18 -0.98 -3.46 -1.97
C PRO A 18 0.18 -2.87 -1.21
N ILE A 19 0.77 -1.84 -1.80
CA ILE A 19 1.92 -1.18 -1.18
C ILE A 19 1.50 -0.27 -0.05
N LEU A 20 0.32 0.28 -0.14
CA LEU A 20 -0.18 1.14 0.94
C LEU A 20 -0.63 0.25 2.06
N VAL A 21 -1.25 -0.85 1.67
CA VAL A 21 -1.68 -1.85 2.58
C VAL A 21 -0.49 -2.34 3.35
N PHE A 22 0.51 -2.73 2.58
CA PHE A 22 1.75 -3.23 3.08
C PHE A 22 2.32 -2.24 4.09
N LEU A 23 1.98 -0.99 3.86
CA LEU A 23 2.41 0.11 4.78
C LEU A 23 1.50 0.16 5.97
N LYS A 24 0.27 -0.17 5.68
CA LYS A 24 -0.80 -0.17 6.65
C LYS A 24 -0.61 -1.28 7.64
N THR A 25 -0.25 -2.43 7.11
CA THR A 25 -0.01 -3.61 7.91
C THR A 25 1.28 -3.46 8.70
N ARG A 26 2.32 -2.97 8.05
CA ARG A 26 3.58 -2.77 8.73
C ARG A 26 3.37 -1.87 9.94
N VAL A 27 2.57 -0.85 9.72
CA VAL A 27 2.22 0.13 10.72
C VAL A 27 1.20 -0.46 11.71
N LEU A 28 0.54 -1.52 11.27
CA LEU A 28 -0.46 -2.21 12.03
C LEU A 28 0.21 -3.17 12.96
N LYS A 29 1.10 -3.94 12.39
CA LYS A 29 1.87 -4.92 13.14
C LYS A 29 2.82 -4.19 14.06
N ARG A 30 3.13 -2.97 13.67
CA ARG A 30 3.97 -2.11 14.44
C ARG A 30 3.13 -1.49 15.53
N TRP A 31 1.86 -1.32 15.20
CA TRP A 31 0.87 -0.82 16.08
C TRP A 31 0.59 -1.87 17.11
N ARG A 32 0.50 -3.12 16.64
CA ARG A 32 0.30 -4.24 17.54
C ARG A 32 1.46 -4.29 18.50
N LEU A 33 2.62 -4.21 17.89
CA LEU A 33 3.90 -4.21 18.54
C LEU A 33 4.03 -3.04 19.46
N PHE A 34 3.53 -1.94 18.96
CA PHE A 34 3.54 -0.68 19.68
C PHE A 34 2.51 -0.73 20.76
N SER A 35 1.58 -1.63 20.56
CA SER A 35 0.50 -1.84 21.53
C SER A 35 0.84 -3.00 22.46
N LYS A 36 1.73 -3.89 22.01
CA LYS A 36 2.12 -5.02 22.82
C LYS A 36 3.35 -4.69 23.66
N HIS A 37 4.05 -3.65 23.25
CA HIS A 37 5.25 -3.19 23.93
C HIS A 37 4.88 -2.43 25.20
N GLU A 38 4.01 -1.45 25.06
CA GLU A 38 3.58 -0.63 26.19
C GLU A 38 2.36 -1.26 26.87
N VAL A 1 -9.03 5.65 -26.22
CA VAL A 1 -7.75 6.39 -26.38
C VAL A 1 -6.56 5.45 -26.26
N MET A 2 -5.35 5.98 -26.47
CA MET A 2 -4.14 5.20 -26.38
C MET A 2 -3.91 4.72 -24.96
N PRO A 3 -2.91 3.83 -24.75
CA PRO A 3 -2.58 3.30 -23.43
C PRO A 3 -1.54 4.18 -22.74
N LYS A 4 -0.73 3.61 -21.87
CA LYS A 4 0.30 4.37 -21.15
C LYS A 4 -0.30 5.28 -20.09
N GLN A 5 -1.53 5.72 -20.30
CA GLN A 5 -2.20 6.58 -19.35
C GLN A 5 -3.05 5.74 -18.41
N ILE A 6 -3.48 4.59 -18.92
CA ILE A 6 -4.25 3.64 -18.16
C ILE A 6 -3.31 2.68 -17.46
N VAL A 7 -2.12 2.52 -18.06
CA VAL A 7 -1.08 1.68 -17.52
C VAL A 7 -0.47 2.41 -16.35
N TYR A 8 -0.32 3.71 -16.55
CA TYR A 8 0.18 4.61 -15.53
C TYR A 8 -0.75 4.52 -14.35
N TRP A 9 -2.04 4.61 -14.68
CA TRP A 9 -3.08 4.49 -13.69
C TRP A 9 -2.96 3.14 -13.04
N LYS A 10 -3.16 2.18 -13.89
CA LYS A 10 -3.08 0.78 -13.54
C LYS A 10 -1.82 0.49 -12.75
N GLN A 11 -0.68 0.93 -13.24
CA GLN A 11 0.58 0.70 -12.55
C GLN A 11 0.75 1.65 -11.38
N TRP A 12 -0.30 2.40 -11.10
CA TRP A 12 -0.30 3.34 -9.99
C TRP A 12 -1.29 2.90 -8.93
N LEU A 13 -2.45 2.37 -9.33
CA LEU A 13 -3.43 1.91 -8.36
C LEU A 13 -3.30 0.42 -8.14
N SER A 14 -2.53 -0.25 -8.98
CA SER A 14 -2.32 -1.67 -8.83
C SER A 14 -1.22 -1.92 -7.80
N LEU A 15 -0.15 -1.18 -7.94
CA LEU A 15 0.97 -1.29 -7.03
C LEU A 15 0.76 -0.47 -5.79
N ARG A 16 0.59 0.82 -5.96
CA ARG A 16 0.36 1.72 -4.83
C ARG A 16 -0.68 1.16 -3.88
N ASN A 17 -1.58 0.36 -4.44
CA ASN A 17 -2.65 -0.26 -3.70
C ASN A 17 -2.10 -1.20 -2.61
N PRO A 18 -1.73 -2.45 -2.96
CA PRO A 18 -1.21 -3.40 -2.00
C PRO A 18 -0.03 -2.84 -1.23
N ILE A 19 0.57 -1.81 -1.81
CA ILE A 19 1.73 -1.18 -1.20
C ILE A 19 1.34 -0.33 -0.02
N LEU A 20 0.21 0.34 -0.10
CA LEU A 20 -0.27 1.17 0.99
C LEU A 20 -0.67 0.25 2.11
N VAL A 21 -1.27 -0.85 1.70
CA VAL A 21 -1.66 -1.89 2.59
C VAL A 21 -0.44 -2.34 3.34
N PHE A 22 0.58 -2.66 2.55
CA PHE A 22 1.85 -3.12 3.04
C PHE A 22 2.36 -2.14 4.07
N LEU A 23 1.99 -0.89 3.89
CA LEU A 23 2.40 0.15 4.86
C LEU A 23 1.44 0.16 6.02
N LYS A 24 0.21 -0.15 5.71
CA LYS A 24 -0.87 -0.18 6.66
C LYS A 24 -0.66 -1.29 7.65
N THR A 25 -0.23 -2.42 7.12
CA THR A 25 0.04 -3.61 7.90
C THR A 25 1.32 -3.42 8.70
N ARG A 26 2.35 -2.89 8.07
CA ARG A 26 3.61 -2.65 8.75
C ARG A 26 3.36 -1.77 9.96
N VAL A 27 2.51 -0.78 9.75
CA VAL A 27 2.11 0.17 10.76
C VAL A 27 1.14 -0.48 11.75
N LEU A 28 0.51 -1.55 11.30
CA LEU A 28 -0.44 -2.30 12.06
C LEU A 28 0.29 -3.23 12.99
N LYS A 29 1.21 -3.97 12.40
CA LYS A 29 2.02 -4.91 13.13
C LYS A 29 2.95 -4.14 14.06
N ARG A 30 3.19 -2.91 13.66
CA ARG A 30 4.00 -2.01 14.44
C ARG A 30 3.14 -1.45 15.55
N TRP A 31 1.86 -1.35 15.23
CA TRP A 31 0.86 -0.91 16.13
C TRP A 31 0.65 -2.00 17.14
N ARG A 32 0.63 -3.25 16.65
CA ARG A 32 0.50 -4.39 17.53
C ARG A 32 1.67 -4.39 18.49
N LEU A 33 2.82 -4.19 17.88
CA LEU A 33 4.09 -4.12 18.52
C LEU A 33 4.16 -2.95 19.45
N PHE A 34 3.58 -1.88 18.98
CA PHE A 34 3.52 -0.65 19.71
C PHE A 34 2.47 -0.74 20.78
N SER A 35 1.61 -1.70 20.57
CA SER A 35 0.51 -1.94 21.52
C SER A 35 0.89 -3.07 22.48
N LYS A 36 1.71 -4.00 22.03
CA LYS A 36 2.13 -5.12 22.87
C LYS A 36 3.27 -4.72 23.79
N HIS A 37 4.01 -3.70 23.38
CA HIS A 37 5.14 -3.20 24.15
C HIS A 37 4.65 -2.40 25.36
N GLU A 38 3.77 -1.45 25.11
CA GLU A 38 3.23 -0.60 26.16
C GLU A 38 1.79 -0.19 25.84
N VAL A 1 -1.93 6.77 -28.23
CA VAL A 1 -2.11 5.31 -28.06
C VAL A 1 -3.36 4.99 -27.26
N MET A 2 -3.84 3.75 -27.37
CA MET A 2 -5.03 3.32 -26.66
C MET A 2 -4.73 3.06 -25.19
N PRO A 3 -3.71 2.23 -24.89
CA PRO A 3 -3.32 1.91 -23.52
C PRO A 3 -2.22 2.86 -23.02
N LYS A 4 -1.36 2.40 -22.12
CA LYS A 4 -0.29 3.23 -21.58
C LYS A 4 -0.79 4.26 -20.59
N GLN A 5 -2.04 4.72 -20.76
CA GLN A 5 -2.61 5.68 -19.85
C GLN A 5 -3.39 4.94 -18.78
N ILE A 6 -3.90 3.77 -19.14
CA ILE A 6 -4.62 2.93 -18.24
C ILE A 6 -3.65 2.03 -17.50
N VAL A 7 -2.49 1.79 -18.13
CA VAL A 7 -1.44 0.99 -17.57
C VAL A 7 -0.72 1.83 -16.54
N TYR A 8 -0.54 3.09 -16.90
CA TYR A 8 0.04 4.08 -16.01
C TYR A 8 -0.82 4.17 -14.78
N TRP A 9 -2.11 4.27 -15.05
CA TRP A 9 -3.11 4.32 -14.01
C TRP A 9 -3.00 3.05 -13.20
N LYS A 10 -3.28 2.00 -13.93
CA LYS A 10 -3.24 0.65 -13.42
C LYS A 10 -1.95 0.40 -12.65
N GLN A 11 -0.82 0.74 -13.23
CA GLN A 11 0.46 0.54 -12.58
C GLN A 11 0.68 1.55 -11.46
N TRP A 12 -0.32 2.37 -11.24
CA TRP A 12 -0.27 3.38 -10.19
C TRP A 12 -1.22 3.02 -9.06
N LEU A 13 -2.39 2.46 -9.38
CA LEU A 13 -3.33 2.08 -8.35
C LEU A 13 -3.23 0.58 -8.06
N SER A 14 -2.49 -0.14 -8.87
CA SER A 14 -2.32 -1.56 -8.65
C SER A 14 -1.19 -1.78 -7.67
N LEU A 15 -0.11 -1.05 -7.87
CA LEU A 15 1.04 -1.14 -7.00
C LEU A 15 0.88 -0.26 -5.79
N ARG A 16 0.76 1.04 -6.03
CA ARG A 16 0.62 1.98 -4.94
C ARG A 16 -0.46 1.56 -3.95
N ASN A 17 -1.39 0.76 -4.42
CA ASN A 17 -2.49 0.26 -3.62
C ASN A 17 -1.98 -0.69 -2.53
N PRO A 18 -1.70 -1.97 -2.86
CA PRO A 18 -1.22 -2.92 -1.89
C PRO A 18 -0.01 -2.43 -1.15
N ILE A 19 0.66 -1.45 -1.74
CA ILE A 19 1.86 -0.89 -1.16
C ILE A 19 1.55 -0.03 0.04
N LEU A 20 0.46 0.72 -0.04
CA LEU A 20 0.03 1.57 1.07
C LEU A 20 -0.42 0.69 2.18
N VAL A 21 -1.11 -0.36 1.78
CA VAL A 21 -1.57 -1.36 2.67
C VAL A 21 -0.39 -1.95 3.39
N PHE A 22 0.58 -2.36 2.56
CA PHE A 22 1.80 -2.94 3.01
C PHE A 22 2.42 -2.05 4.06
N LEU A 23 2.16 -0.76 3.93
CA LEU A 23 2.68 0.19 4.93
C LEU A 23 1.75 0.25 6.11
N LYS A 24 0.49 0.08 5.82
CA LYS A 24 -0.55 0.10 6.79
C LYS A 24 -0.40 -1.06 7.74
N THR A 25 -0.09 -2.20 7.16
CA THR A 25 0.13 -3.42 7.90
C THR A 25 1.40 -3.32 8.72
N ARG A 26 2.44 -2.76 8.11
CA ARG A 26 3.69 -2.59 8.81
C ARG A 26 3.46 -1.74 10.04
N VAL A 27 2.64 -0.71 9.85
CA VAL A 27 2.27 0.22 10.89
C VAL A 27 1.22 -0.39 11.82
N LEU A 28 0.56 -1.42 11.31
CA LEU A 28 -0.46 -2.13 12.04
C LEU A 28 0.23 -3.09 12.98
N LYS A 29 1.16 -3.82 12.40
CA LYS A 29 1.97 -4.76 13.13
C LYS A 29 2.89 -4.00 14.06
N ARG A 30 3.09 -2.74 13.74
CA ARG A 30 3.88 -1.86 14.56
C ARG A 30 3.00 -1.44 15.71
N TRP A 31 1.72 -1.33 15.35
CA TRP A 31 0.68 -0.99 16.24
C TRP A 31 0.47 -2.14 17.19
N ARG A 32 0.49 -3.36 16.65
CA ARG A 32 0.38 -4.56 17.44
C ARG A 32 1.55 -4.59 18.41
N LEU A 33 2.70 -4.34 17.82
CA LEU A 33 3.97 -4.28 18.47
C LEU A 33 4.00 -3.18 19.47
N PHE A 34 3.40 -2.10 19.06
CA PHE A 34 3.30 -0.91 19.87
C PHE A 34 2.27 -1.13 20.93
N SER A 35 1.42 -2.08 20.66
CA SER A 35 0.36 -2.44 21.60
C SER A 35 0.78 -3.64 22.46
N LYS A 36 1.67 -4.48 21.94
CA LYS A 36 2.12 -5.65 22.68
C LYS A 36 3.24 -5.30 23.64
N HIS A 37 3.96 -4.24 23.33
CA HIS A 37 5.07 -3.78 24.14
C HIS A 37 4.57 -3.05 25.38
N GLU A 38 3.68 -2.10 25.17
CA GLU A 38 3.12 -1.32 26.27
C GLU A 38 1.80 -1.93 26.76
N VAL A 1 -8.26 5.98 -24.66
CA VAL A 1 -7.23 6.40 -23.68
C VAL A 1 -5.84 5.93 -24.12
N MET A 2 -4.81 6.63 -23.67
CA MET A 2 -3.45 6.29 -24.00
C MET A 2 -3.04 4.97 -23.36
N PRO A 3 -1.90 4.39 -23.79
CA PRO A 3 -1.39 3.12 -23.26
C PRO A 3 -0.49 3.27 -22.05
N LYS A 4 0.18 4.38 -22.00
CA LYS A 4 1.11 4.69 -20.92
C LYS A 4 0.41 5.48 -19.83
N GLN A 5 -0.70 6.09 -20.18
CA GLN A 5 -1.46 6.89 -19.24
C GLN A 5 -2.36 6.02 -18.38
N ILE A 6 -2.81 4.92 -18.92
CA ILE A 6 -3.64 4.01 -18.18
C ILE A 6 -2.77 3.02 -17.43
N VAL A 7 -1.58 2.77 -17.98
CA VAL A 7 -0.61 1.89 -17.38
C VAL A 7 0.02 2.60 -16.21
N TYR A 8 0.24 3.90 -16.41
CA TYR A 8 0.79 4.77 -15.38
C TYR A 8 -0.18 4.79 -14.24
N TRP A 9 -1.45 4.91 -14.60
CA TRP A 9 -2.52 4.92 -13.64
C TRP A 9 -2.55 3.57 -12.98
N LYS A 10 -2.80 2.62 -13.84
CA LYS A 10 -2.86 1.22 -13.48
C LYS A 10 -1.66 0.83 -12.64
N GLN A 11 -0.47 1.19 -13.09
CA GLN A 11 0.75 0.86 -12.36
C GLN A 11 0.89 1.73 -11.12
N TRP A 12 -0.10 2.55 -10.88
CA TRP A 12 -0.12 3.42 -9.73
C TRP A 12 -1.18 2.96 -8.73
N LEU A 13 -2.32 2.48 -9.22
CA LEU A 13 -3.37 2.01 -8.33
C LEU A 13 -3.30 0.50 -8.16
N SER A 14 -2.51 -0.15 -9.01
CA SER A 14 -2.35 -1.59 -8.90
C SER A 14 -1.32 -1.92 -7.85
N LEU A 15 -0.21 -1.21 -7.91
CA LEU A 15 0.86 -1.42 -6.96
C LEU A 15 0.60 -0.64 -5.69
N ARG A 16 0.47 0.66 -5.82
CA ARG A 16 0.22 1.51 -4.65
C ARG A 16 -0.86 0.90 -3.78
N ASN A 17 -1.77 0.19 -4.41
CA ASN A 17 -2.86 -0.47 -3.73
C ASN A 17 -2.33 -1.43 -2.67
N PRO A 18 -1.88 -2.65 -3.06
CA PRO A 18 -1.36 -3.61 -2.13
C PRO A 18 -0.28 -3.02 -1.25
N ILE A 19 0.32 -1.95 -1.74
CA ILE A 19 1.38 -1.28 -1.00
C ILE A 19 0.79 -0.52 0.18
N LEU A 20 -0.41 -0.02 0.00
CA LEU A 20 -1.11 0.70 1.06
C LEU A 20 -1.41 -0.28 2.15
N VAL A 21 -1.91 -1.43 1.72
CA VAL A 21 -2.19 -2.52 2.58
C VAL A 21 -0.95 -2.87 3.36
N PHE A 22 0.10 -3.09 2.59
CA PHE A 22 1.39 -3.45 3.11
C PHE A 22 1.82 -2.37 4.11
N LEU A 23 1.35 -1.17 3.87
CA LEU A 23 1.61 -0.03 4.75
C LEU A 23 0.72 -0.11 5.96
N LYS A 24 -0.42 -0.67 5.71
CA LYS A 24 -1.46 -0.85 6.68
C LYS A 24 -1.09 -1.93 7.66
N THR A 25 -0.59 -3.01 7.12
CA THR A 25 -0.15 -4.15 7.91
C THR A 25 1.13 -3.82 8.66
N ARG A 26 2.08 -3.22 7.96
CA ARG A 26 3.34 -2.84 8.58
C ARG A 26 3.06 -1.94 9.76
N VAL A 27 2.10 -1.06 9.57
CA VAL A 27 1.67 -0.12 10.58
C VAL A 27 0.81 -0.83 11.63
N LEU A 28 0.28 -1.98 11.24
CA LEU A 28 -0.54 -2.79 12.09
C LEU A 28 0.36 -3.53 13.04
N LYS A 29 1.36 -4.14 12.45
CA LYS A 29 2.37 -4.87 13.19
C LYS A 29 3.21 -3.89 13.97
N ARG A 30 3.16 -2.64 13.53
CA ARG A 30 3.85 -1.57 14.21
C ARG A 30 2.98 -1.19 15.38
N TRP A 31 1.68 -1.28 15.11
CA TRP A 31 0.66 -1.02 16.05
C TRP A 31 0.71 -2.08 17.11
N ARG A 32 0.89 -3.32 16.66
CA ARG A 32 1.04 -4.45 17.54
C ARG A 32 2.23 -4.20 18.44
N LEU A 33 3.28 -3.80 17.77
CA LEU A 33 4.56 -3.48 18.33
C LEU A 33 4.46 -2.27 19.22
N PHE A 34 3.68 -1.35 18.73
CA PHE A 34 3.43 -0.10 19.42
C PHE A 34 2.49 -0.34 20.56
N SER A 35 1.81 -1.45 20.43
CA SER A 35 0.85 -1.87 21.46
C SER A 35 1.53 -2.81 22.46
N LYS A 36 2.50 -3.58 21.98
CA LYS A 36 3.21 -4.51 22.84
C LYS A 36 4.32 -3.82 23.62
N HIS A 37 4.77 -2.69 23.09
CA HIS A 37 5.82 -1.91 23.73
C HIS A 37 5.28 -1.11 24.91
N GLU A 38 4.19 -0.38 24.67
CA GLU A 38 3.57 0.43 25.70
C GLU A 38 2.46 -0.34 26.40
N VAL A 1 -8.51 4.09 -24.52
CA VAL A 1 -7.75 5.05 -23.67
C VAL A 1 -6.26 4.99 -23.98
N MET A 2 -5.51 5.96 -23.48
CA MET A 2 -4.08 6.04 -23.70
C MET A 2 -3.37 4.89 -22.97
N PRO A 3 -2.79 3.94 -23.73
CA PRO A 3 -2.08 2.77 -23.18
C PRO A 3 -1.14 3.12 -22.04
N LYS A 4 -0.65 4.33 -22.06
CA LYS A 4 0.29 4.79 -21.05
C LYS A 4 -0.42 5.50 -19.91
N GLN A 5 -1.62 5.98 -20.17
CA GLN A 5 -2.40 6.70 -19.16
C GLN A 5 -3.18 5.75 -18.28
N ILE A 6 -3.57 4.62 -18.86
CA ILE A 6 -4.30 3.63 -18.10
C ILE A 6 -3.32 2.70 -17.39
N VAL A 7 -2.13 2.58 -17.97
CA VAL A 7 -1.07 1.77 -17.41
C VAL A 7 -0.43 2.55 -16.28
N TYR A 8 -0.30 3.85 -16.51
CA TYR A 8 0.23 4.77 -15.53
C TYR A 8 -0.67 4.73 -14.33
N TRP A 9 -1.97 4.80 -14.62
CA TRP A 9 -2.98 4.71 -13.61
C TRP A 9 -2.88 3.38 -12.94
N LYS A 10 -3.11 2.41 -13.79
CA LYS A 10 -3.06 1.02 -13.41
C LYS A 10 -1.79 0.71 -12.62
N GLN A 11 -0.66 1.15 -13.13
CA GLN A 11 0.62 0.90 -12.45
C GLN A 11 0.78 1.81 -11.24
N TRP A 12 -0.23 2.58 -10.97
CA TRP A 12 -0.24 3.50 -9.85
C TRP A 12 -1.22 3.05 -8.79
N LEU A 13 -2.37 2.52 -9.19
CA LEU A 13 -3.34 2.04 -8.23
C LEU A 13 -3.26 0.53 -8.07
N SER A 14 -2.46 -0.12 -8.91
CA SER A 14 -2.28 -1.55 -8.81
C SER A 14 -1.18 -1.86 -7.81
N LEU A 15 -0.09 -1.12 -7.93
CA LEU A 15 1.04 -1.29 -7.05
C LEU A 15 0.84 -0.51 -5.77
N ARG A 16 0.70 0.79 -5.91
CA ARG A 16 0.53 1.64 -4.74
C ARG A 16 -0.56 1.12 -3.82
N ASN A 17 -1.49 0.39 -4.40
CA ASN A 17 -2.58 -0.19 -3.66
C ASN A 17 -2.08 -1.18 -2.60
N PRO A 18 -1.75 -2.43 -3.00
CA PRO A 18 -1.27 -3.42 -2.07
C PRO A 18 -0.11 -2.92 -1.25
N ILE A 19 0.56 -1.91 -1.79
CA ILE A 19 1.71 -1.32 -1.11
C ILE A 19 1.28 -0.49 0.08
N LEU A 20 0.12 0.12 -0.03
CA LEU A 20 -0.43 0.91 1.06
C LEU A 20 -0.83 -0.04 2.16
N VAL A 21 -1.47 -1.11 1.73
CA VAL A 21 -1.86 -2.16 2.61
C VAL A 21 -0.65 -2.68 3.34
N PHE A 22 0.33 -3.03 2.52
CA PHE A 22 1.58 -3.56 2.99
C PHE A 22 2.19 -2.59 4.00
N LEU A 23 1.85 -1.33 3.81
CA LEU A 23 2.30 -0.25 4.73
C LEU A 23 1.42 -0.24 5.94
N LYS A 24 0.19 -0.56 5.69
CA LYS A 24 -0.84 -0.60 6.68
C LYS A 24 -0.59 -1.72 7.66
N THR A 25 -0.25 -2.86 7.11
CA THR A 25 0.05 -4.04 7.89
C THR A 25 1.33 -3.83 8.68
N ARG A 26 2.34 -3.28 8.02
CA ARG A 26 3.59 -3.00 8.68
C ARG A 26 3.36 -2.06 9.84
N VAL A 27 2.48 -1.10 9.60
CA VAL A 27 2.10 -0.12 10.57
C VAL A 27 1.11 -0.70 11.57
N LEU A 28 0.47 -1.79 11.16
CA LEU A 28 -0.49 -2.49 11.97
C LEU A 28 0.27 -3.33 12.97
N LYS A 29 1.22 -4.07 12.44
CA LYS A 29 2.08 -4.91 13.24
C LYS A 29 3.00 -4.03 14.06
N ARG A 30 3.12 -2.77 13.62
CA ARG A 30 3.89 -1.80 14.33
C ARG A 30 3.01 -1.30 15.46
N TRP A 31 1.73 -1.25 15.12
CA TRP A 31 0.68 -0.86 16.00
C TRP A 31 0.55 -1.93 17.06
N ARG A 32 0.61 -3.18 16.61
CA ARG A 32 0.57 -4.31 17.50
C ARG A 32 1.73 -4.21 18.45
N LEU A 33 2.87 -3.95 17.84
CA LEU A 33 4.14 -3.78 18.47
C LEU A 33 4.13 -2.58 19.37
N PHE A 34 3.49 -1.57 18.86
CA PHE A 34 3.35 -0.31 19.55
C PHE A 34 2.33 -0.45 20.63
N SER A 35 1.52 -1.46 20.45
CA SER A 35 0.48 -1.77 21.43
C SER A 35 0.99 -2.79 22.45
N LYS A 36 1.90 -3.65 22.00
CA LYS A 36 2.47 -4.67 22.88
C LYS A 36 3.60 -4.09 23.73
N HIS A 37 4.20 -3.02 23.23
CA HIS A 37 5.29 -2.35 23.92
C HIS A 37 4.77 -1.59 25.14
N GLU A 38 3.72 -0.81 24.92
CA GLU A 38 3.13 -0.03 26.00
C GLU A 38 1.98 -0.79 26.66
N VAL A 1 -0.07 7.21 -24.81
CA VAL A 1 -1.08 6.35 -25.47
C VAL A 1 -1.89 5.57 -24.45
N MET A 2 -2.98 4.95 -24.90
CA MET A 2 -3.84 4.18 -24.03
C MET A 2 -3.05 3.11 -23.27
N PRO A 3 -2.44 2.14 -24.00
CA PRO A 3 -1.65 1.07 -23.39
C PRO A 3 -0.74 1.55 -22.28
N LYS A 4 -0.32 2.78 -22.39
CA LYS A 4 0.56 3.40 -21.41
C LYS A 4 -0.22 4.19 -20.39
N GLN A 5 -1.44 4.57 -20.75
CA GLN A 5 -2.30 5.35 -19.87
C GLN A 5 -3.05 4.46 -18.89
N ILE A 6 -3.35 3.26 -19.33
CA ILE A 6 -4.05 2.32 -18.47
C ILE A 6 -3.03 1.56 -17.63
N VAL A 7 -1.81 1.44 -18.16
CA VAL A 7 -0.72 0.77 -17.49
C VAL A 7 -0.18 1.72 -16.44
N TYR A 8 -0.13 2.99 -16.82
CA TYR A 8 0.30 4.05 -15.94
C TYR A 8 -0.63 4.08 -14.77
N TRP A 9 -1.92 4.00 -15.10
CA TRP A 9 -2.97 3.97 -14.11
C TRP A 9 -2.79 2.73 -13.30
N LYS A 10 -2.92 1.66 -14.03
CA LYS A 10 -2.79 0.32 -13.50
C LYS A 10 -1.53 0.20 -12.64
N GLN A 11 -0.41 0.66 -13.17
CA GLN A 11 0.84 0.59 -12.42
C GLN A 11 0.89 1.62 -11.30
N TRP A 12 -0.20 2.34 -11.15
CA TRP A 12 -0.31 3.34 -10.12
C TRP A 12 -1.32 2.90 -9.05
N LEU A 13 -2.40 2.26 -9.47
CA LEU A 13 -3.40 1.79 -8.53
C LEU A 13 -3.20 0.33 -8.21
N SER A 14 -2.30 -0.33 -8.93
CA SER A 14 -2.02 -1.73 -8.67
C SER A 14 -0.97 -1.84 -7.59
N LEU A 15 0.06 -1.03 -7.72
CA LEU A 15 1.14 -1.00 -6.78
C LEU A 15 0.80 -0.11 -5.59
N ARG A 16 0.55 1.15 -5.88
CA ARG A 16 0.21 2.11 -4.82
C ARG A 16 -0.85 1.55 -3.89
N ASN A 17 -1.66 0.67 -4.43
CA ASN A 17 -2.74 0.03 -3.70
C ASN A 17 -2.20 -0.80 -2.53
N PRO A 18 -1.76 -2.04 -2.76
CA PRO A 18 -1.24 -2.89 -1.71
C PRO A 18 -0.13 -2.21 -0.93
N ILE A 19 0.47 -1.21 -1.56
CA ILE A 19 1.58 -0.49 -0.95
C ILE A 19 1.11 0.46 0.14
N LEU A 20 -0.09 0.98 -0.02
CA LEU A 20 -0.64 1.88 1.00
C LEU A 20 -1.09 1.02 2.16
N VAL A 21 -1.66 -0.11 1.81
CA VAL A 21 -2.08 -1.08 2.77
C VAL A 21 -0.88 -1.54 3.55
N PHE A 22 0.11 -1.97 2.79
CA PHE A 22 1.36 -2.45 3.32
C PHE A 22 1.88 -1.43 4.33
N LEU A 23 1.56 -0.18 4.07
CA LEU A 23 1.96 0.92 4.97
C LEU A 23 1.09 0.92 6.19
N LYS A 24 -0.13 0.54 5.93
CA LYS A 24 -1.18 0.46 6.90
C LYS A 24 -0.99 -0.73 7.83
N THR A 25 -0.59 -1.82 7.22
CA THR A 25 -0.34 -3.07 7.89
C THR A 25 0.98 -3.02 8.65
N ARG A 26 2.01 -2.46 8.03
CA ARG A 26 3.29 -2.36 8.70
C ARG A 26 3.12 -1.55 9.97
N VAL A 27 2.34 -0.49 9.84
CA VAL A 27 2.03 0.42 10.93
C VAL A 27 1.06 -0.24 11.90
N LEU A 28 0.39 -1.28 11.42
CA LEU A 28 -0.58 -2.03 12.17
C LEU A 28 0.14 -3.07 12.99
N LYS A 29 1.00 -3.79 12.29
CA LYS A 29 1.81 -4.82 12.91
C LYS A 29 2.81 -4.18 13.84
N ARG A 30 3.10 -2.93 13.55
CA ARG A 30 3.97 -2.12 14.34
C ARG A 30 3.20 -1.66 15.54
N TRP A 31 1.90 -1.49 15.31
CA TRP A 31 0.95 -1.13 16.29
C TRP A 31 0.77 -2.30 17.22
N ARG A 32 0.71 -3.49 16.62
CA ARG A 32 0.60 -4.71 17.40
C ARG A 32 1.82 -4.82 18.29
N LEU A 33 2.93 -4.59 17.63
CA LEU A 33 4.26 -4.60 18.20
C LEU A 33 4.39 -3.53 19.23
N PHE A 34 3.82 -2.42 18.89
CA PHE A 34 3.83 -1.24 19.74
C PHE A 34 2.86 -1.45 20.86
N SER A 35 1.97 -2.37 20.62
CA SER A 35 0.95 -2.73 21.61
C SER A 35 1.39 -3.93 22.43
N LYS A 36 2.20 -4.80 21.83
CA LYS A 36 2.68 -5.99 22.52
C LYS A 36 3.90 -5.69 23.38
N HIS A 37 4.60 -4.62 23.03
CA HIS A 37 5.79 -4.21 23.76
C HIS A 37 5.42 -3.53 25.08
N GLU A 38 4.53 -2.55 24.99
CA GLU A 38 4.08 -1.81 26.16
C GLU A 38 2.87 -2.49 26.79
N VAL A 1 -0.22 9.97 -23.62
CA VAL A 1 -1.38 9.31 -24.26
C VAL A 1 -2.14 8.45 -23.25
N MET A 2 -3.33 8.01 -23.64
CA MET A 2 -4.16 7.18 -22.78
C MET A 2 -3.44 5.92 -22.34
N PRO A 3 -3.03 5.06 -23.28
CA PRO A 3 -2.31 3.81 -22.99
C PRO A 3 -1.27 3.96 -21.90
N LYS A 4 -0.71 5.14 -21.82
CA LYS A 4 0.33 5.45 -20.82
C LYS A 4 -0.26 6.13 -19.61
N GLN A 5 -1.45 6.70 -19.76
CA GLN A 5 -2.11 7.39 -18.67
C GLN A 5 -2.95 6.43 -17.85
N ILE A 6 -3.45 5.39 -18.50
CA ILE A 6 -4.23 4.40 -17.80
C ILE A 6 -3.30 3.34 -17.20
N VAL A 7 -2.13 3.18 -17.83
CA VAL A 7 -1.12 2.25 -17.36
C VAL A 7 -0.45 2.89 -16.18
N TYR A 8 -0.23 4.18 -16.31
CA TYR A 8 0.34 5.00 -15.25
C TYR A 8 -0.57 4.88 -14.05
N TRP A 9 -1.86 5.07 -14.34
CA TRP A 9 -2.89 4.96 -13.34
C TRP A 9 -2.84 3.58 -12.76
N LYS A 10 -3.10 2.67 -13.67
CA LYS A 10 -3.09 1.25 -13.40
C LYS A 10 -1.85 0.85 -12.63
N GLN A 11 -0.69 1.25 -13.13
CA GLN A 11 0.57 0.91 -12.47
C GLN A 11 0.79 1.75 -11.23
N TRP A 12 -0.21 2.54 -10.90
CA TRP A 12 -0.16 3.39 -9.72
C TRP A 12 -1.17 2.91 -8.68
N LEU A 13 -2.33 2.46 -9.12
CA LEU A 13 -3.35 1.97 -8.19
C LEU A 13 -3.28 0.46 -8.08
N SER A 14 -2.54 -0.17 -8.96
CA SER A 14 -2.39 -1.62 -8.91
C SER A 14 -1.31 -1.98 -7.92
N LEU A 15 -0.19 -1.28 -8.02
CA LEU A 15 0.92 -1.51 -7.13
C LEU A 15 0.74 -0.78 -5.84
N ARG A 16 0.61 0.53 -5.91
CA ARG A 16 0.43 1.34 -4.72
C ARG A 16 -0.60 0.72 -3.80
N ASN A 17 -1.56 0.06 -4.40
CA ASN A 17 -2.63 -0.60 -3.69
C ASN A 17 -2.11 -1.61 -2.66
N PRO A 18 -1.75 -2.84 -3.09
CA PRO A 18 -1.24 -3.85 -2.19
C PRO A 18 -0.08 -3.33 -1.39
N ILE A 19 0.55 -2.29 -1.90
CA ILE A 19 1.69 -1.70 -1.23
C ILE A 19 1.23 -0.90 -0.01
N LEU A 20 0.10 -0.22 -0.16
CA LEU A 20 -0.51 0.55 0.92
C LEU A 20 -0.82 -0.40 2.02
N VAL A 21 -1.40 -1.50 1.62
CA VAL A 21 -1.72 -2.58 2.49
C VAL A 21 -0.48 -2.97 3.26
N PHE A 22 0.56 -3.22 2.47
CA PHE A 22 1.84 -3.61 2.97
C PHE A 22 2.32 -2.58 3.98
N LEU A 23 1.88 -1.36 3.79
CA LEU A 23 2.23 -0.29 4.74
C LEU A 23 1.28 -0.32 5.91
N LYS A 24 0.06 -0.71 5.59
CA LYS A 24 -1.01 -0.78 6.55
C LYS A 24 -0.72 -1.84 7.58
N THR A 25 -0.24 -2.96 7.07
CA THR A 25 0.12 -4.09 7.88
C THR A 25 1.38 -3.80 8.67
N ARG A 26 2.37 -3.21 8.01
CA ARG A 26 3.60 -2.85 8.68
C ARG A 26 3.30 -1.91 9.84
N VAL A 27 2.38 -1.00 9.57
CA VAL A 27 1.92 -0.02 10.52
C VAL A 27 1.01 -0.66 11.56
N LEU A 28 0.47 -1.82 11.19
CA LEU A 28 -0.42 -2.59 12.01
C LEU A 28 0.39 -3.39 12.98
N LYS A 29 1.35 -4.09 12.43
CA LYS A 29 2.26 -4.92 13.22
C LYS A 29 3.11 -4.02 14.08
N ARG A 30 3.26 -2.79 13.62
CA ARG A 30 3.99 -1.78 14.32
C ARG A 30 3.10 -1.20 15.38
N TRP A 31 1.80 -1.19 15.06
CA TRP A 31 0.79 -0.75 15.93
C TRP A 31 0.63 -1.78 17.02
N ARG A 32 0.69 -3.04 16.59
CA ARG A 32 0.63 -4.17 17.51
C ARG A 32 1.79 -4.05 18.47
N LEU A 33 2.93 -3.79 17.87
CA LEU A 33 4.19 -3.61 18.52
C LEU A 33 4.17 -2.39 19.39
N PHE A 34 3.53 -1.38 18.84
CA PHE A 34 3.40 -0.11 19.50
C PHE A 34 2.33 -0.21 20.56
N SER A 35 1.53 -1.22 20.40
CA SER A 35 0.45 -1.48 21.35
C SER A 35 0.89 -2.50 22.40
N LYS A 36 1.76 -3.42 22.00
CA LYS A 36 2.25 -4.44 22.91
C LYS A 36 3.34 -3.87 23.81
N HIS A 37 3.94 -2.80 23.36
CA HIS A 37 5.00 -2.13 24.10
C HIS A 37 4.41 -1.34 25.26
N GLU A 38 3.57 -0.38 24.93
CA GLU A 38 2.92 0.45 25.95
C GLU A 38 1.41 0.26 25.91
N VAL A 1 -9.37 6.18 -23.54
CA VAL A 1 -8.31 6.37 -22.54
C VAL A 1 -6.94 6.01 -23.10
N MET A 2 -5.96 6.86 -22.84
CA MET A 2 -4.60 6.65 -23.32
C MET A 2 -3.98 5.40 -22.69
N PRO A 3 -3.57 4.43 -23.53
CA PRO A 3 -2.96 3.17 -23.07
C PRO A 3 -1.90 3.35 -22.01
N LYS A 4 -1.27 4.50 -22.04
CA LYS A 4 -0.20 4.83 -21.10
C LYS A 4 -0.73 5.61 -19.91
N GLN A 5 -1.91 6.20 -20.06
CA GLN A 5 -2.50 6.99 -18.99
C GLN A 5 -3.32 6.12 -18.07
N ILE A 6 -3.85 5.04 -18.60
CA ILE A 6 -4.63 4.13 -17.80
C ILE A 6 -3.71 3.07 -17.20
N VAL A 7 -2.59 2.83 -17.87
CA VAL A 7 -1.60 1.90 -17.42
C VAL A 7 -0.82 2.56 -16.30
N TYR A 8 -0.58 3.87 -16.51
CA TYR A 8 0.08 4.70 -15.53
C TYR A 8 -0.76 4.69 -14.28
N TRP A 9 -2.05 4.89 -14.50
CA TRP A 9 -3.02 4.86 -13.43
C TRP A 9 -2.97 3.50 -12.79
N LYS A 10 -3.33 2.58 -13.64
CA LYS A 10 -3.36 1.17 -13.30
C LYS A 10 -2.07 0.75 -12.59
N GLN A 11 -0.94 1.11 -13.17
CA GLN A 11 0.34 0.75 -12.58
C GLN A 11 0.66 1.63 -11.38
N TRP A 12 -0.28 2.47 -11.02
CA TRP A 12 -0.14 3.36 -9.89
C TRP A 12 -1.10 2.94 -8.77
N LEU A 13 -2.30 2.51 -9.12
CA LEU A 13 -3.26 2.08 -8.11
C LEU A 13 -3.24 0.57 -7.95
N SER A 14 -2.56 -0.11 -8.87
CA SER A 14 -2.45 -1.56 -8.78
C SER A 14 -1.33 -1.94 -7.85
N LEU A 15 -0.20 -1.27 -8.01
CA LEU A 15 0.96 -1.51 -7.20
C LEU A 15 0.89 -0.73 -5.91
N ARG A 16 0.79 0.58 -6.03
CA ARG A 16 0.71 1.44 -4.85
C ARG A 16 -0.28 0.87 -3.85
N ASN A 17 -1.30 0.23 -4.38
CA ASN A 17 -2.34 -0.38 -3.59
C ASN A 17 -1.77 -1.37 -2.59
N PRO A 18 -1.40 -2.60 -3.04
CA PRO A 18 -0.84 -3.59 -2.16
C PRO A 18 0.31 -3.04 -1.36
N ILE A 19 0.92 -2.00 -1.91
CA ILE A 19 2.06 -1.36 -1.24
C ILE A 19 1.59 -0.55 -0.05
N LEU A 20 0.41 0.01 -0.17
CA LEU A 20 -0.17 0.79 0.92
C LEU A 20 -0.57 -0.17 2.01
N VAL A 21 -1.20 -1.24 1.59
CA VAL A 21 -1.58 -2.27 2.48
C VAL A 21 -0.35 -2.74 3.23
N PHE A 22 0.65 -3.06 2.42
CA PHE A 22 1.92 -3.52 2.88
C PHE A 22 2.51 -2.55 3.87
N LEU A 23 2.13 -1.29 3.74
CA LEU A 23 2.64 -0.30 4.67
C LEU A 23 1.65 -0.12 5.83
N LYS A 24 0.41 -0.52 5.56
CA LYS A 24 -0.65 -0.47 6.52
C LYS A 24 -0.46 -1.57 7.54
N THR A 25 -0.08 -2.73 7.03
CA THR A 25 0.17 -3.89 7.85
C THR A 25 1.41 -3.68 8.69
N ARG A 26 2.47 -3.17 8.07
CA ARG A 26 3.70 -2.89 8.80
C ARG A 26 3.40 -1.95 9.95
N VAL A 27 2.54 -0.98 9.65
CA VAL A 27 2.10 0.03 10.59
C VAL A 27 1.11 -0.58 11.57
N LEU A 28 0.53 -1.71 11.17
CA LEU A 28 -0.44 -2.43 11.95
C LEU A 28 0.30 -3.30 12.94
N LYS A 29 1.25 -4.04 12.42
CA LYS A 29 2.07 -4.92 13.23
C LYS A 29 2.95 -4.08 14.12
N ARG A 30 3.14 -2.85 13.70
CA ARG A 30 3.90 -1.89 14.45
C ARG A 30 2.99 -1.29 15.49
N TRP A 31 1.72 -1.23 15.13
CA TRP A 31 0.67 -0.76 15.97
C TRP A 31 0.44 -1.81 17.02
N ARG A 32 0.44 -3.07 16.60
CA ARG A 32 0.30 -4.17 17.51
C ARG A 32 1.43 -4.12 18.51
N LEU A 33 2.61 -4.00 17.93
CA LEU A 33 3.86 -3.89 18.62
C LEU A 33 3.87 -2.68 19.50
N PHE A 34 3.33 -1.65 18.95
CA PHE A 34 3.23 -0.37 19.63
C PHE A 34 2.21 -0.50 20.72
N SER A 35 1.36 -1.47 20.52
CA SER A 35 0.30 -1.76 21.50
C SER A 35 0.75 -2.81 22.49
N LYS A 36 1.69 -3.68 22.09
CA LYS A 36 2.18 -4.71 22.99
C LYS A 36 3.34 -4.19 23.80
N HIS A 37 4.23 -3.49 23.12
CA HIS A 37 5.41 -2.91 23.76
C HIS A 37 5.04 -1.68 24.60
N GLU A 38 4.06 -0.91 24.14
CA GLU A 38 3.62 0.30 24.85
C GLU A 38 4.81 1.12 25.34
N VAL A 1 -8.67 7.38 -23.38
CA VAL A 1 -7.62 7.73 -22.37
C VAL A 1 -6.23 7.38 -22.89
N MET A 2 -5.24 8.15 -22.47
CA MET A 2 -3.87 7.91 -22.87
C MET A 2 -3.34 6.59 -22.31
N PRO A 3 -2.93 5.65 -23.20
CA PRO A 3 -2.41 4.33 -22.82
C PRO A 3 -1.39 4.39 -21.70
N LYS A 4 -0.72 5.52 -21.61
CA LYS A 4 0.33 5.72 -20.62
C LYS A 4 -0.22 6.42 -19.37
N GLN A 5 -1.36 7.07 -19.51
CA GLN A 5 -1.96 7.78 -18.40
C GLN A 5 -2.84 6.85 -17.58
N ILE A 6 -3.40 5.84 -18.23
CA ILE A 6 -4.23 4.89 -17.55
C ILE A 6 -3.36 3.76 -16.98
N VAL A 7 -2.22 3.55 -17.64
CA VAL A 7 -1.25 2.57 -17.22
C VAL A 7 -0.53 3.13 -16.01
N TYR A 8 -0.26 4.43 -16.10
CA TYR A 8 0.35 5.18 -15.02
C TYR A 8 -0.56 5.08 -13.83
N TRP A 9 -1.83 5.35 -14.11
CA TRP A 9 -2.87 5.26 -13.11
C TRP A 9 -2.86 3.87 -12.55
N LYS A 10 -3.17 2.98 -13.45
CA LYS A 10 -3.21 1.56 -13.20
C LYS A 10 -1.96 1.10 -12.47
N GLN A 11 -0.81 1.45 -13.01
CA GLN A 11 0.46 1.07 -12.39
C GLN A 11 0.70 1.85 -11.11
N TRP A 12 -0.26 2.65 -10.74
CA TRP A 12 -0.19 3.43 -9.53
C TRP A 12 -1.18 2.93 -8.51
N LEU A 13 -2.37 2.49 -8.95
CA LEU A 13 -3.38 1.97 -8.04
C LEU A 13 -3.32 0.46 -7.99
N SER A 14 -2.57 -0.14 -8.90
CA SER A 14 -2.44 -1.58 -8.92
C SER A 14 -1.36 -2.00 -7.95
N LEU A 15 -0.23 -1.31 -8.03
CA LEU A 15 0.88 -1.58 -7.15
C LEU A 15 0.72 -0.89 -5.83
N ARG A 16 0.59 0.42 -5.86
CA ARG A 16 0.42 1.20 -4.64
C ARG A 16 -0.63 0.56 -3.75
N ASN A 17 -1.57 -0.12 -4.38
CA ASN A 17 -2.66 -0.79 -3.70
C ASN A 17 -2.14 -1.82 -2.69
N PRO A 18 -1.84 -3.07 -3.11
CA PRO A 18 -1.34 -4.08 -2.21
C PRO A 18 -0.13 -3.61 -1.44
N ILE A 19 0.50 -2.59 -1.97
CA ILE A 19 1.69 -2.05 -1.34
C ILE A 19 1.36 -1.22 -0.13
N LEU A 20 0.25 -0.51 -0.18
CA LEU A 20 -0.19 0.30 0.96
C LEU A 20 -0.59 -0.64 2.04
N VAL A 21 -1.21 -1.72 1.61
CA VAL A 21 -1.59 -2.77 2.49
C VAL A 21 -0.36 -3.25 3.22
N PHE A 22 0.64 -3.56 2.39
CA PHE A 22 1.92 -4.04 2.85
C PHE A 22 2.48 -3.06 3.87
N LEU A 23 2.09 -1.81 3.70
CA LEU A 23 2.53 -0.78 4.67
C LEU A 23 1.60 -0.78 5.86
N LYS A 24 0.36 -1.07 5.57
CA LYS A 24 -0.68 -1.11 6.55
C LYS A 24 -0.41 -2.21 7.55
N THR A 25 -0.01 -3.34 7.02
CA THR A 25 0.33 -4.49 7.82
C THR A 25 1.57 -4.18 8.63
N ARG A 26 2.55 -3.58 7.98
CA ARG A 26 3.78 -3.19 8.66
C ARG A 26 3.45 -2.20 9.76
N VAL A 27 2.50 -1.33 9.45
CA VAL A 27 2.03 -0.32 10.35
C VAL A 27 1.07 -0.93 11.36
N LEU A 28 0.52 -2.09 11.01
CA LEU A 28 -0.40 -2.82 11.83
C LEU A 28 0.39 -3.52 12.90
N LYS A 29 1.42 -4.22 12.44
CA LYS A 29 2.31 -4.92 13.32
C LYS A 29 3.14 -3.92 14.09
N ARG A 30 3.17 -2.70 13.57
CA ARG A 30 3.85 -1.61 14.23
C ARG A 30 2.90 -1.09 15.27
N TRP A 31 1.63 -1.14 14.90
CA TRP A 31 0.54 -0.74 15.71
C TRP A 31 0.44 -1.71 16.86
N ARG A 32 0.57 -3.00 16.52
CA ARG A 32 0.57 -4.05 17.50
C ARG A 32 1.70 -3.80 18.48
N LEU A 33 2.84 -3.53 17.88
CA LEU A 33 4.07 -3.22 18.53
C LEU A 33 3.97 -1.94 19.31
N PHE A 34 3.31 -1.02 18.68
CA PHE A 34 3.08 0.29 19.25
C PHE A 34 2.03 0.20 20.31
N SER A 35 1.28 -0.87 20.20
CA SER A 35 0.22 -1.15 21.17
C SER A 35 0.74 -2.05 22.29
N LYS A 36 1.70 -2.90 21.97
CA LYS A 36 2.27 -3.81 22.96
C LYS A 36 3.35 -3.12 23.78
N HIS A 37 3.94 -2.10 23.19
CA HIS A 37 5.01 -1.35 23.86
C HIS A 37 4.42 -0.38 24.88
N GLU A 38 3.46 0.43 24.44
CA GLU A 38 2.82 1.41 25.30
C GLU A 38 1.55 0.84 25.92
N VAL A 1 -10.36 3.60 -26.86
CA VAL A 1 -9.37 4.45 -26.14
C VAL A 1 -8.01 3.76 -26.04
N MET A 2 -6.95 4.52 -26.24
CA MET A 2 -5.61 3.99 -26.17
C MET A 2 -5.25 3.60 -24.74
N PRO A 3 -4.28 2.68 -24.58
CA PRO A 3 -3.84 2.23 -23.26
C PRO A 3 -2.66 3.08 -22.78
N LYS A 4 -1.78 2.51 -21.95
CA LYS A 4 -0.63 3.25 -21.44
C LYS A 4 -1.05 4.29 -20.41
N GLN A 5 -2.26 4.82 -20.52
CA GLN A 5 -2.75 5.80 -19.58
C GLN A 5 -3.55 5.08 -18.50
N ILE A 6 -4.14 3.96 -18.87
CA ILE A 6 -4.89 3.15 -17.95
C ILE A 6 -3.93 2.18 -17.24
N VAL A 7 -2.83 1.87 -17.91
CA VAL A 7 -1.81 1.01 -17.39
C VAL A 7 -1.01 1.81 -16.38
N TYR A 8 -0.78 3.06 -16.76
CA TYR A 8 -0.11 4.03 -15.91
C TYR A 8 -0.93 4.16 -14.65
N TRP A 9 -2.22 4.35 -14.88
CA TRP A 9 -3.19 4.46 -13.81
C TRP A 9 -3.11 3.21 -12.99
N LYS A 10 -3.46 2.15 -13.68
CA LYS A 10 -3.46 0.82 -13.14
C LYS A 10 -2.14 0.51 -12.43
N GLN A 11 -1.03 0.76 -13.10
CA GLN A 11 0.27 0.51 -12.51
C GLN A 11 0.57 1.50 -11.40
N TRP A 12 -0.39 2.35 -11.13
CA TRP A 12 -0.28 3.35 -10.09
C TRP A 12 -1.21 3.00 -8.94
N LEU A 13 -2.40 2.49 -9.23
CA LEU A 13 -3.33 2.11 -8.18
C LEU A 13 -3.26 0.63 -7.91
N SER A 14 -2.52 -0.10 -8.73
CA SER A 14 -2.38 -1.53 -8.54
C SER A 14 -1.24 -1.80 -7.59
N LEU A 15 -0.15 -1.10 -7.80
CA LEU A 15 1.02 -1.21 -6.98
C LEU A 15 0.93 -0.31 -5.77
N ARG A 16 0.81 0.98 -6.01
CA ARG A 16 0.70 1.95 -4.92
C ARG A 16 -0.32 1.51 -3.88
N ASN A 17 -1.28 0.74 -4.34
CA ASN A 17 -2.34 0.23 -3.50
C ASN A 17 -1.79 -0.72 -2.44
N PRO A 18 -1.50 -1.99 -2.81
CA PRO A 18 -0.98 -2.95 -1.87
C PRO A 18 0.26 -2.44 -1.16
N ILE A 19 0.88 -1.45 -1.77
CA ILE A 19 2.10 -0.88 -1.20
C ILE A 19 1.81 -0.01 0.00
N LEU A 20 0.73 0.74 -0.06
CA LEU A 20 0.33 1.58 1.06
C LEU A 20 -0.16 0.69 2.16
N VAL A 21 -0.84 -0.34 1.74
CA VAL A 21 -1.32 -1.35 2.62
C VAL A 21 -0.14 -1.95 3.33
N PHE A 22 0.81 -2.38 2.49
CA PHE A 22 2.03 -2.99 2.93
C PHE A 22 2.67 -2.12 3.99
N LEU A 23 2.42 -0.83 3.89
CA LEU A 23 2.95 0.10 4.90
C LEU A 23 2.03 0.11 6.10
N LYS A 24 0.76 -0.01 5.80
CA LYS A 24 -0.27 -0.02 6.79
C LYS A 24 -0.14 -1.23 7.69
N THR A 25 0.13 -2.35 7.06
CA THR A 25 0.31 -3.60 7.75
C THR A 25 1.58 -3.55 8.59
N ARG A 26 2.64 -3.00 8.01
CA ARG A 26 3.89 -2.86 8.73
C ARG A 26 3.66 -2.00 9.95
N VAL A 27 2.85 -0.97 9.73
CA VAL A 27 2.49 -0.03 10.76
C VAL A 27 1.40 -0.62 11.66
N LEU A 28 0.71 -1.63 11.14
CA LEU A 28 -0.34 -2.31 11.84
C LEU A 28 0.30 -3.26 12.81
N LYS A 29 1.24 -4.02 12.28
CA LYS A 29 2.00 -4.96 13.07
C LYS A 29 2.92 -4.20 14.00
N ARG A 30 3.15 -2.94 13.66
CA ARG A 30 3.95 -2.07 14.48
C ARG A 30 3.02 -1.58 15.57
N TRP A 31 1.77 -1.41 15.16
CA TRP A 31 0.71 -1.00 16.00
C TRP A 31 0.45 -2.10 16.99
N ARG A 32 0.43 -3.34 16.49
CA ARG A 32 0.25 -4.49 17.34
C ARG A 32 1.36 -4.50 18.38
N LEU A 33 2.55 -4.30 17.84
CA LEU A 33 3.78 -4.24 18.55
C LEU A 33 3.78 -3.08 19.50
N PHE A 34 3.25 -2.00 18.99
CA PHE A 34 3.14 -0.77 19.73
C PHE A 34 2.01 -0.85 20.71
N SER A 35 1.15 -1.80 20.41
CA SER A 35 -0.02 -2.05 21.27
C SER A 35 0.26 -3.19 22.24
N LYS A 36 1.19 -4.07 21.88
CA LYS A 36 1.52 -5.20 22.75
C LYS A 36 2.64 -4.80 23.72
N HIS A 37 3.33 -3.73 23.38
CA HIS A 37 4.40 -3.21 24.20
C HIS A 37 3.85 -2.43 25.39
N GLU A 38 2.95 -1.49 25.11
CA GLU A 38 2.35 -0.67 26.15
C GLU A 38 0.83 -0.84 26.15
N VAL A 1 -1.62 8.25 -26.59
CA VAL A 1 -2.08 6.91 -27.04
C VAL A 1 -3.32 6.47 -26.26
N MET A 2 -3.95 5.39 -26.70
CA MET A 2 -5.13 4.87 -26.07
C MET A 2 -4.81 4.38 -24.65
N PRO A 3 -3.84 3.45 -24.52
CA PRO A 3 -3.43 2.91 -23.24
C PRO A 3 -2.28 3.75 -22.65
N LYS A 4 -1.41 3.15 -21.85
CA LYS A 4 -0.28 3.86 -21.25
C LYS A 4 -0.74 4.84 -20.18
N GLN A 5 -1.95 5.36 -20.31
CA GLN A 5 -2.49 6.29 -19.34
C GLN A 5 -3.31 5.52 -18.32
N ILE A 6 -3.86 4.39 -18.77
CA ILE A 6 -4.62 3.52 -17.92
C ILE A 6 -3.69 2.53 -17.25
N VAL A 7 -2.55 2.28 -17.91
CA VAL A 7 -1.52 1.41 -17.40
C VAL A 7 -0.77 2.14 -16.32
N TYR A 8 -0.56 3.42 -16.60
CA TYR A 8 0.07 4.34 -15.66
C TYR A 8 -0.80 4.37 -14.43
N TRP A 9 -2.09 4.57 -14.69
CA TRP A 9 -3.08 4.58 -13.65
C TRP A 9 -3.01 3.28 -12.92
N LYS A 10 -3.32 2.26 -13.69
CA LYS A 10 -3.31 0.89 -13.24
C LYS A 10 -2.01 0.58 -12.49
N GLN A 11 -0.89 0.88 -13.13
CA GLN A 11 0.40 0.62 -12.51
C GLN A 11 0.67 1.57 -11.35
N TRP A 12 -0.32 2.40 -11.06
CA TRP A 12 -0.23 3.34 -9.97
C TRP A 12 -1.20 2.95 -8.86
N LEU A 13 -2.39 2.46 -9.21
CA LEU A 13 -3.36 2.04 -8.22
C LEU A 13 -3.31 0.52 -8.03
N SER A 14 -2.53 -0.16 -8.85
CA SER A 14 -2.40 -1.60 -8.71
C SER A 14 -1.28 -1.90 -7.74
N LEU A 15 -0.18 -1.20 -7.90
CA LEU A 15 0.97 -1.36 -7.04
C LEU A 15 0.82 -0.53 -5.79
N ARG A 16 0.69 0.77 -5.98
CA ARG A 16 0.55 1.68 -4.84
C ARG A 16 -0.50 1.17 -3.87
N ASN A 17 -1.45 0.42 -4.39
CA ASN A 17 -2.51 -0.16 -3.62
C ASN A 17 -1.98 -1.11 -2.55
N PRO A 18 -1.69 -2.39 -2.90
CA PRO A 18 -1.19 -3.35 -1.95
C PRO A 18 0.03 -2.83 -1.22
N ILE A 19 0.66 -1.83 -1.81
CA ILE A 19 1.85 -1.25 -1.23
C ILE A 19 1.52 -0.35 -0.05
N LEU A 20 0.40 0.35 -0.13
CA LEU A 20 -0.03 1.21 0.97
C LEU A 20 -0.44 0.31 2.10
N VAL A 21 -1.07 -0.78 1.71
CA VAL A 21 -1.47 -1.79 2.62
C VAL A 21 -0.25 -2.26 3.36
N PHE A 22 0.75 -2.62 2.56
CA PHE A 22 2.01 -3.10 3.04
C PHE A 22 2.56 -2.12 4.04
N LEU A 23 2.20 -0.86 3.86
CA LEU A 23 2.66 0.17 4.82
C LEU A 23 1.72 0.19 6.01
N LYS A 24 0.48 -0.09 5.71
CA LYS A 24 -0.57 -0.12 6.69
C LYS A 24 -0.34 -1.24 7.67
N THR A 25 0.05 -2.38 7.11
CA THR A 25 0.34 -3.56 7.88
C THR A 25 1.61 -3.38 8.68
N ARG A 26 2.63 -2.81 8.03
CA ARG A 26 3.88 -2.56 8.72
C ARG A 26 3.62 -1.68 9.93
N VAL A 27 2.76 -0.71 9.72
CA VAL A 27 2.35 0.24 10.72
C VAL A 27 1.33 -0.41 11.67
N LEU A 28 0.72 -1.48 11.21
CA LEU A 28 -0.26 -2.22 11.94
C LEU A 28 0.45 -3.16 12.88
N LYS A 29 1.37 -3.90 12.30
CA LYS A 29 2.15 -4.86 13.06
C LYS A 29 3.05 -4.10 14.01
N ARG A 30 3.30 -2.85 13.65
CA ARG A 30 4.08 -1.96 14.47
C ARG A 30 3.19 -1.41 15.54
N TRP A 31 1.92 -1.27 15.18
CA TRP A 31 0.90 -0.82 16.05
C TRP A 31 0.62 -1.94 17.03
N ARG A 32 0.60 -3.16 16.49
CA ARG A 32 0.41 -4.35 17.28
C ARG A 32 1.52 -4.42 18.30
N LEU A 33 2.70 -4.18 17.78
CA LEU A 33 3.94 -4.16 18.49
C LEU A 33 3.95 -3.04 19.48
N PHE A 34 3.44 -1.94 19.02
CA PHE A 34 3.34 -0.72 19.79
C PHE A 34 2.21 -0.81 20.75
N SER A 35 1.33 -1.74 20.46
CA SER A 35 0.15 -1.96 21.30
C SER A 35 0.37 -3.13 22.25
N LYS A 36 1.16 -4.11 21.83
CA LYS A 36 1.42 -5.28 22.67
C LYS A 36 2.52 -5.00 23.69
N HIS A 37 3.37 -4.05 23.38
CA HIS A 37 4.46 -3.67 24.27
C HIS A 37 3.95 -2.84 25.44
N GLU A 38 3.18 -1.80 25.14
CA GLU A 38 2.63 -0.93 26.16
C GLU A 38 1.33 -0.29 25.70
N VAL A 1 -8.72 4.11 -27.63
CA VAL A 1 -7.62 5.09 -27.42
C VAL A 1 -6.30 4.38 -27.15
N MET A 2 -5.23 5.15 -27.05
CA MET A 2 -3.91 4.62 -26.78
C MET A 2 -3.77 4.23 -25.31
N PRO A 3 -2.84 3.30 -25.02
CA PRO A 3 -2.59 2.83 -23.65
C PRO A 3 -1.50 3.69 -22.98
N LYS A 4 -0.73 3.11 -22.07
CA LYS A 4 0.34 3.85 -21.38
C LYS A 4 -0.22 4.82 -20.34
N GLN A 5 -1.43 5.32 -20.56
CA GLN A 5 -2.04 6.24 -19.63
C GLN A 5 -2.91 5.46 -18.66
N ILE A 6 -3.42 4.34 -19.13
CA ILE A 6 -4.23 3.46 -18.32
C ILE A 6 -3.32 2.48 -17.58
N VAL A 7 -2.15 2.24 -18.17
CA VAL A 7 -1.15 1.37 -17.59
C VAL A 7 -0.48 2.13 -16.47
N TYR A 8 -0.26 3.41 -16.74
CA TYR A 8 0.30 4.34 -15.78
C TYR A 8 -0.63 4.37 -14.60
N TRP A 9 -1.90 4.53 -14.92
CA TRP A 9 -2.95 4.53 -13.93
C TRP A 9 -2.91 3.23 -13.20
N LYS A 10 -3.16 2.22 -13.99
CA LYS A 10 -3.17 0.84 -13.55
C LYS A 10 -1.93 0.52 -12.74
N GLN A 11 -0.77 0.89 -13.26
CA GLN A 11 0.48 0.62 -12.56
C GLN A 11 0.69 1.58 -11.40
N TRP A 12 -0.31 2.40 -11.16
CA TRP A 12 -0.28 3.35 -10.07
C TRP A 12 -1.26 2.96 -8.99
N LEU A 13 -2.42 2.44 -9.36
CA LEU A 13 -3.42 2.02 -8.39
C LEU A 13 -3.32 0.53 -8.12
N SER A 14 -2.57 -0.17 -8.96
CA SER A 14 -2.41 -1.60 -8.78
C SER A 14 -1.30 -1.87 -7.78
N LEU A 15 -0.21 -1.15 -7.93
CA LEU A 15 0.92 -1.29 -7.05
C LEU A 15 0.75 -0.44 -5.81
N ARG A 16 0.60 0.86 -6.01
CA ARG A 16 0.42 1.77 -4.88
C ARG A 16 -0.60 1.22 -3.90
N ASN A 17 -1.54 0.48 -4.43
CA ASN A 17 -2.58 -0.14 -3.64
C ASN A 17 -1.99 -1.06 -2.58
N PRO A 18 -1.55 -2.29 -2.97
CA PRO A 18 -0.97 -3.23 -2.05
C PRO A 18 0.15 -2.61 -1.25
N ILE A 19 0.72 -1.55 -1.80
CA ILE A 19 1.84 -0.86 -1.14
C ILE A 19 1.35 -0.03 0.04
N LEU A 20 0.15 0.48 -0.08
CA LEU A 20 -0.45 1.28 0.98
C LEU A 20 -0.89 0.32 2.07
N VAL A 21 -1.39 -0.80 1.65
CA VAL A 21 -1.79 -1.82 2.54
C VAL A 21 -0.56 -2.30 3.27
N PHE A 22 0.42 -2.65 2.46
CA PHE A 22 1.70 -3.13 2.92
C PHE A 22 2.27 -2.16 3.94
N LEU A 23 1.88 -0.91 3.83
CA LEU A 23 2.37 0.09 4.76
C LEU A 23 1.36 0.31 5.88
N LYS A 24 0.16 -0.25 5.68
CA LYS A 24 -0.90 -0.18 6.62
C LYS A 24 -0.65 -1.27 7.66
N THR A 25 -0.24 -2.41 7.15
CA THR A 25 0.05 -3.57 7.97
C THR A 25 1.33 -3.34 8.78
N ARG A 26 2.38 -2.87 8.12
CA ARG A 26 3.62 -2.61 8.82
C ARG A 26 3.36 -1.73 10.04
N VAL A 27 2.49 -0.76 9.82
CA VAL A 27 2.07 0.20 10.83
C VAL A 27 1.10 -0.45 11.82
N LEU A 28 0.49 -1.54 11.37
CA LEU A 28 -0.46 -2.30 12.13
C LEU A 28 0.28 -3.23 13.06
N LYS A 29 1.21 -3.95 12.48
CA LYS A 29 2.05 -4.88 13.21
C LYS A 29 2.95 -4.10 14.14
N ARG A 30 3.18 -2.86 13.76
CA ARG A 30 3.95 -1.94 14.54
C ARG A 30 3.07 -1.41 15.64
N TRP A 31 1.80 -1.34 15.33
CA TRP A 31 0.78 -0.92 16.21
C TRP A 31 0.57 -2.02 17.23
N ARG A 32 0.57 -3.26 16.72
CA ARG A 32 0.47 -4.42 17.58
C ARG A 32 1.63 -4.39 18.54
N LEU A 33 2.79 -4.29 17.93
CA LEU A 33 4.07 -4.19 18.58
C LEU A 33 4.11 -3.05 19.53
N PHE A 34 3.54 -1.98 19.07
CA PHE A 34 3.44 -0.76 19.84
C PHE A 34 2.47 -0.96 20.95
N SER A 35 1.61 -1.94 20.72
CA SER A 35 0.59 -2.29 21.70
C SER A 35 1.08 -3.43 22.61
N LYS A 36 2.01 -4.25 22.12
CA LYS A 36 2.52 -5.36 22.94
C LYS A 36 3.60 -4.84 23.86
N HIS A 37 4.41 -3.96 23.32
CA HIS A 37 5.51 -3.36 24.07
C HIS A 37 4.98 -2.45 25.19
N GLU A 38 3.90 -1.73 24.89
CA GLU A 38 3.29 -0.82 25.85
C GLU A 38 4.34 -0.01 26.61
N VAL A 1 -9.05 3.67 -27.47
CA VAL A 1 -7.87 4.54 -27.19
C VAL A 1 -6.63 3.71 -26.91
N MET A 2 -5.47 4.36 -26.93
CA MET A 2 -4.22 3.70 -26.67
C MET A 2 -4.01 3.48 -25.17
N PRO A 3 -2.99 2.68 -24.79
CA PRO A 3 -2.68 2.39 -23.40
C PRO A 3 -1.70 3.44 -22.84
N LYS A 4 -0.84 3.04 -21.89
CA LYS A 4 0.12 3.97 -21.29
C LYS A 4 -0.52 4.93 -20.31
N GLN A 5 -1.79 5.26 -20.51
CA GLN A 5 -2.51 6.15 -19.63
C GLN A 5 -3.30 5.35 -18.60
N ILE A 6 -3.71 4.17 -19.02
CA ILE A 6 -4.42 3.26 -18.17
C ILE A 6 -3.42 2.37 -17.43
N VAL A 7 -2.25 2.22 -18.05
CA VAL A 7 -1.17 1.44 -17.49
C VAL A 7 -0.52 2.26 -16.40
N TYR A 8 -0.40 3.55 -16.68
CA TYR A 8 0.12 4.51 -15.74
C TYR A 8 -0.76 4.51 -14.52
N TRP A 9 -2.06 4.53 -14.81
CA TRP A 9 -3.06 4.48 -13.77
C TRP A 9 -2.93 3.18 -13.06
N LYS A 10 -3.14 2.17 -13.87
CA LYS A 10 -3.06 0.79 -13.44
C LYS A 10 -1.79 0.54 -12.65
N GLN A 11 -0.66 0.97 -13.20
CA GLN A 11 0.62 0.77 -12.52
C GLN A 11 0.78 1.73 -11.35
N TRP A 12 -0.26 2.50 -11.10
CA TRP A 12 -0.27 3.44 -9.99
C TRP A 12 -1.26 2.99 -8.93
N LEU A 13 -2.39 2.43 -9.32
CA LEU A 13 -3.38 1.96 -8.37
C LEU A 13 -3.24 0.46 -8.15
N SER A 14 -2.41 -0.19 -8.95
CA SER A 14 -2.19 -1.61 -8.78
C SER A 14 -1.10 -1.84 -7.76
N LEU A 15 -0.03 -1.08 -7.89
CA LEU A 15 1.07 -1.16 -6.98
C LEU A 15 0.82 -0.34 -5.73
N ARG A 16 0.63 0.96 -5.92
CA ARG A 16 0.38 1.85 -4.80
C ARG A 16 -0.67 1.28 -3.86
N ASN A 17 -1.55 0.47 -4.43
CA ASN A 17 -2.62 -0.15 -3.68
C ASN A 17 -2.07 -1.07 -2.58
N PRO A 18 -1.68 -2.33 -2.92
CA PRO A 18 -1.16 -3.25 -1.94
C PRO A 18 0.01 -2.66 -1.18
N ILE A 19 0.61 -1.65 -1.76
CA ILE A 19 1.77 -1.01 -1.15
C ILE A 19 1.38 -0.10 0.01
N LEU A 20 0.19 0.46 -0.06
CA LEU A 20 -0.29 1.31 1.01
C LEU A 20 -0.74 0.42 2.14
N VAL A 21 -1.37 -0.68 1.74
CA VAL A 21 -1.80 -1.69 2.65
C VAL A 21 -0.60 -2.23 3.39
N PHE A 22 0.37 -2.63 2.57
CA PHE A 22 1.61 -3.17 3.03
C PHE A 22 2.22 -2.23 4.07
N LEU A 23 1.92 -0.95 3.88
CA LEU A 23 2.38 0.10 4.81
C LEU A 23 1.50 0.10 6.04
N LYS A 24 0.26 -0.17 5.77
CA LYS A 24 -0.77 -0.22 6.78
C LYS A 24 -0.54 -1.38 7.72
N THR A 25 -0.23 -2.51 7.13
CA THR A 25 0.05 -3.71 7.88
C THR A 25 1.34 -3.55 8.67
N ARG A 26 2.35 -3.01 8.03
CA ARG A 26 3.62 -2.79 8.71
C ARG A 26 3.38 -1.91 9.92
N VAL A 27 2.54 -0.90 9.70
CA VAL A 27 2.15 0.05 10.71
C VAL A 27 1.17 -0.58 11.70
N LEU A 28 0.53 -1.65 11.25
CA LEU A 28 -0.45 -2.39 12.02
C LEU A 28 0.26 -3.33 12.95
N LYS A 29 1.18 -4.07 12.37
CA LYS A 29 2.00 -5.01 13.12
C LYS A 29 2.92 -4.26 14.03
N ARG A 30 3.17 -3.02 13.64
CA ARG A 30 3.99 -2.12 14.42
C ARG A 30 3.13 -1.56 15.51
N TRP A 31 1.85 -1.44 15.18
CA TRP A 31 0.84 -0.99 16.06
C TRP A 31 0.63 -2.05 17.10
N ARG A 32 0.62 -3.32 16.64
CA ARG A 32 0.51 -4.44 17.53
C ARG A 32 1.66 -4.42 18.50
N LEU A 33 2.81 -4.22 17.90
CA LEU A 33 4.09 -4.13 18.54
C LEU A 33 4.15 -2.93 19.45
N PHE A 34 3.56 -1.89 18.94
CA PHE A 34 3.50 -0.63 19.65
C PHE A 34 2.45 -0.71 20.71
N SER A 35 1.59 -1.69 20.52
CA SER A 35 0.51 -1.94 21.48
C SER A 35 0.92 -3.02 22.49
N LYS A 36 1.71 -3.97 22.03
CA LYS A 36 2.16 -5.05 22.90
C LYS A 36 3.20 -4.56 23.90
N HIS A 37 3.82 -3.44 23.56
CA HIS A 37 4.84 -2.83 24.38
C HIS A 37 4.19 -2.01 25.49
N GLU A 38 3.43 -1.02 25.07
CA GLU A 38 2.73 -0.11 26.00
C GLU A 38 3.61 0.27 27.18
N VAL A 1 -7.07 3.49 -28.76
CA VAL A 1 -6.52 4.45 -27.77
C VAL A 1 -5.09 4.09 -27.38
N MET A 2 -4.29 5.11 -27.08
CA MET A 2 -2.92 4.91 -26.70
C MET A 2 -2.80 4.46 -25.25
N PRO A 3 -1.77 3.68 -24.92
CA PRO A 3 -1.54 3.18 -23.56
C PRO A 3 -0.63 4.14 -22.78
N LYS A 4 0.15 3.63 -21.83
CA LYS A 4 1.05 4.45 -21.03
C LYS A 4 0.30 5.28 -20.00
N GLN A 5 -0.94 5.64 -20.30
CA GLN A 5 -1.74 6.42 -19.38
C GLN A 5 -2.58 5.49 -18.51
N ILE A 6 -2.88 4.33 -19.09
CA ILE A 6 -3.63 3.32 -18.38
C ILE A 6 -2.66 2.44 -17.61
N VAL A 7 -1.43 2.36 -18.10
CA VAL A 7 -0.37 1.61 -17.47
C VAL A 7 0.12 2.41 -16.29
N TYR A 8 0.19 3.72 -16.51
CA TYR A 8 0.56 4.67 -15.48
C TYR A 8 -0.45 4.54 -14.37
N TRP A 9 -1.70 4.52 -14.79
CA TRP A 9 -2.81 4.34 -13.89
C TRP A 9 -2.63 3.02 -13.20
N LYS A 10 -2.66 2.03 -14.05
CA LYS A 10 -2.48 0.65 -13.66
C LYS A 10 -1.30 0.51 -12.71
N GLN A 11 -0.15 1.01 -13.12
CA GLN A 11 1.05 0.93 -12.29
C GLN A 11 1.00 1.88 -11.11
N TRP A 12 -0.13 2.54 -10.97
CA TRP A 12 -0.35 3.46 -9.88
C TRP A 12 -1.40 2.92 -8.92
N LEU A 13 -2.43 2.26 -9.44
CA LEU A 13 -3.46 1.69 -8.58
C LEU A 13 -3.20 0.22 -8.32
N SER A 14 -2.28 -0.36 -9.07
CA SER A 14 -1.94 -1.75 -8.88
C SER A 14 -0.94 -1.88 -7.74
N LEU A 15 0.07 -1.04 -7.78
CA LEU A 15 1.08 -1.03 -6.77
C LEU A 15 0.65 -0.25 -5.55
N ARG A 16 0.36 1.02 -5.76
CA ARG A 16 -0.09 1.88 -4.66
C ARG A 16 -1.15 1.19 -3.81
N ASN A 17 -1.90 0.33 -4.45
CA ASN A 17 -2.96 -0.42 -3.81
C ASN A 17 -2.42 -1.29 -2.68
N PRO A 18 -1.94 -2.52 -2.95
CA PRO A 18 -1.43 -3.38 -1.92
C PRO A 18 -0.35 -2.72 -1.09
N ILE A 19 0.22 -1.67 -1.65
CA ILE A 19 1.29 -0.95 -0.98
C ILE A 19 0.77 -0.08 0.14
N LEU A 20 -0.46 0.40 0.00
CA LEU A 20 -1.06 1.20 1.06
C LEU A 20 -1.44 0.26 2.18
N VAL A 21 -1.96 -0.86 1.79
CA VAL A 21 -2.32 -1.91 2.69
C VAL A 21 -1.09 -2.33 3.47
N PHE A 22 -0.07 -2.65 2.69
CA PHE A 22 1.20 -3.08 3.19
C PHE A 22 1.71 -2.04 4.19
N LEU A 23 1.29 -0.81 3.96
CA LEU A 23 1.65 0.31 4.85
C LEU A 23 0.78 0.28 6.07
N LYS A 24 -0.41 -0.18 5.82
CA LYS A 24 -1.45 -0.28 6.80
C LYS A 24 -1.18 -1.41 7.77
N THR A 25 -0.78 -2.54 7.21
CA THR A 25 -0.46 -3.72 7.97
C THR A 25 0.87 -3.54 8.70
N ARG A 26 1.87 -3.05 7.98
CA ARG A 26 3.18 -2.83 8.59
C ARG A 26 3.02 -1.92 9.80
N VAL A 27 2.15 -0.94 9.64
CA VAL A 27 1.85 0.02 10.69
C VAL A 27 0.93 -0.60 11.74
N LEU A 28 0.25 -1.67 11.34
CA LEU A 28 -0.64 -2.40 12.19
C LEU A 28 0.18 -3.28 13.09
N LYS A 29 1.07 -4.00 12.44
CA LYS A 29 1.99 -4.87 13.13
C LYS A 29 2.98 -4.04 13.92
N ARG A 30 3.08 -2.78 13.53
CA ARG A 30 3.92 -1.83 14.22
C ARG A 30 3.14 -1.38 15.43
N TRP A 31 1.84 -1.31 15.20
CA TRP A 31 0.87 -0.96 16.18
C TRP A 31 0.82 -2.06 17.20
N ARG A 32 0.82 -3.29 16.69
CA ARG A 32 0.85 -4.47 17.53
C ARG A 32 2.09 -4.42 18.39
N LEU A 33 3.18 -4.13 17.69
CA LEU A 33 4.50 -4.00 18.23
C LEU A 33 4.58 -2.84 19.17
N PHE A 34 3.91 -1.81 18.76
CA PHE A 34 3.84 -0.57 19.51
C PHE A 34 2.92 -0.77 20.68
N SER A 35 2.09 -1.77 20.52
CA SER A 35 1.13 -2.12 21.57
C SER A 35 1.70 -3.20 22.48
N LYS A 36 2.54 -4.07 21.93
CA LYS A 36 3.14 -5.14 22.71
C LYS A 36 4.30 -4.63 23.55
N HIS A 37 4.90 -3.54 23.10
CA HIS A 37 6.02 -2.93 23.78
C HIS A 37 5.56 -2.13 24.99
N GLU A 38 4.57 -1.26 24.78
CA GLU A 38 4.03 -0.41 25.85
C GLU A 38 5.14 0.18 26.71
#